data_1D17
# 
_entry.id   1D17 
# 
_audit_conform.dict_name       mmcif_pdbx.dic 
_audit_conform.dict_version    5.385 
_audit_conform.dict_location   http://mmcif.pdb.org/dictionaries/ascii/mmcif_pdbx.dic 
# 
loop_
_database_2.database_id 
_database_2.database_code 
_database_2.pdbx_database_accession 
_database_2.pdbx_DOI 
PDB   1D17         pdb_00001d17 10.2210/pdb1d17/pdb 
RCSB  DDFA16       ?            ?                   
WWPDB D_1000172622 ?            ?                   
# 
loop_
_pdbx_audit_revision_history.ordinal 
_pdbx_audit_revision_history.data_content_type 
_pdbx_audit_revision_history.major_revision 
_pdbx_audit_revision_history.minor_revision 
_pdbx_audit_revision_history.revision_date 
1 'Structure model' 1 0 1991-07-15 
2 'Structure model' 1 1 2008-05-22 
3 'Structure model' 1 2 2011-07-13 
4 'Structure model' 1 3 2011-08-24 
5 'Structure model' 1 4 2024-02-07 
# 
_pdbx_audit_revision_details.ordinal             1 
_pdbx_audit_revision_details.revision_ordinal    1 
_pdbx_audit_revision_details.data_content_type   'Structure model' 
_pdbx_audit_revision_details.provider            repository 
_pdbx_audit_revision_details.type                'Initial release' 
_pdbx_audit_revision_details.description         ? 
_pdbx_audit_revision_details.details             ? 
# 
loop_
_pdbx_audit_revision_group.ordinal 
_pdbx_audit_revision_group.revision_ordinal 
_pdbx_audit_revision_group.data_content_type 
_pdbx_audit_revision_group.group 
1 2 'Structure model' 'Version format compliance' 
2 3 'Structure model' 'Version format compliance' 
3 4 'Structure model' 'Atomic model'              
4 4 'Structure model' 'Derived calculations'      
5 5 'Structure model' 'Data collection'           
6 5 'Structure model' 'Database references'       
7 5 'Structure model' 'Derived calculations'      
# 
loop_
_pdbx_audit_revision_category.ordinal 
_pdbx_audit_revision_category.revision_ordinal 
_pdbx_audit_revision_category.data_content_type 
_pdbx_audit_revision_category.category 
1 5 'Structure model' chem_comp_atom 
2 5 'Structure model' chem_comp_bond 
3 5 'Structure model' database_2     
4 5 'Structure model' struct_conn    
5 5 'Structure model' struct_site    
# 
loop_
_pdbx_audit_revision_item.ordinal 
_pdbx_audit_revision_item.revision_ordinal 
_pdbx_audit_revision_item.data_content_type 
_pdbx_audit_revision_item.item 
1 5 'Structure model' '_database_2.pdbx_DOI'                
2 5 'Structure model' '_database_2.pdbx_database_accession' 
3 5 'Structure model' '_struct_conn.pdbx_leaving_atom_flag' 
4 5 'Structure model' '_struct_site.pdbx_auth_asym_id'      
5 5 'Structure model' '_struct_site.pdbx_auth_comp_id'      
6 5 'Structure model' '_struct_site.pdbx_auth_seq_id'       
# 
_pdbx_database_status.status_code                     REL 
_pdbx_database_status.entry_id                        1D17 
_pdbx_database_status.recvd_initial_deposition_date   1990-08-08 
_pdbx_database_status.deposit_site                    BNL 
_pdbx_database_status.process_site                    BNL 
_pdbx_database_status.SG_entry                        . 
_pdbx_database_status.status_code_sf                  ? 
_pdbx_database_status.status_code_mr                  ? 
_pdbx_database_status.status_code_cs                  ? 
_pdbx_database_status.pdb_format_compatible           Y 
_pdbx_database_status.status_code_nmr_data            ? 
_pdbx_database_status.methods_development_category    ? 
# 
loop_
_audit_author.name 
_audit_author.pdbx_ordinal 
'Egli, M.'        1 
'Williams, L.D.'  2 
'Frederick, C.A.' 3 
'Rich, A.'        4 
# 
loop_
_citation.id 
_citation.title 
_citation.journal_abbrev 
_citation.journal_volume 
_citation.page_first 
_citation.page_last 
_citation.year 
_citation.journal_id_ASTM 
_citation.country 
_citation.journal_id_ISSN 
_citation.journal_id_CSD 
_citation.book_publisher 
_citation.pdbx_database_id_PubMed 
_citation.pdbx_database_id_DOI 
primary 'DNA-nogalamycin interactions.'                   Biochemistry           30 1364 1372 1991 BICHAW US 0006-2960 0033 ? 
1991116 10.1021/bi00219a029 
1       'Structure of Nogalamycin Bound to a DNA Hexamer' Proc.Natl.Acad.Sci.USA 87 2225 2229 1990 PNASA6 US 0027-8424 0040 ? ? ? 
# 
loop_
_citation_author.citation_id 
_citation_author.name 
_citation_author.ordinal 
_citation_author.identifier_ORCID 
primary 'Egli, M.'            1  ? 
primary 'Williams, L.D.'      2  ? 
primary 'Frederick, C.A.'     3  ? 
primary 'Rich, A.'            4  ? 
1       'Williams, L.D.'      5  ? 
1       'Egli, M.'            6  ? 
1       'Gao, Q.'             7  ? 
1       'Bash, P.'            8  ? 
1       'Van Der Marel, G.A.' 9  ? 
1       'Van Boom, J.H.'      10 ? 
1       'Rich, A.'            11 ? 
1       'Frederick, C.A.'     12 ? 
# 
loop_
_entity.id 
_entity.type 
_entity.src_method 
_entity.pdbx_description 
_entity.formula_weight 
_entity.pdbx_number_of_molecules 
_entity.pdbx_ec 
_entity.pdbx_mutation 
_entity.pdbx_fragment 
_entity.details 
1 polymer     syn 
;DNA (5'-D(*(5CM)P*GP*TP*AP*(5CM)P*G)-3')
;
1837.271 1  ? ? ? ? 
2 non-polymer syn NOGALAMYCIN                                787.803  1  ? ? ? ? 
3 water       nat water                                      18.015   39 ? ? ? ? 
# 
_entity_poly.entity_id                      1 
_entity_poly.type                           polydeoxyribonucleotide 
_entity_poly.nstd_linkage                   no 
_entity_poly.nstd_monomer                   yes 
_entity_poly.pdbx_seq_one_letter_code       '(5CM)(DG)(DT)(DA)(5CM)(DG)' 
_entity_poly.pdbx_seq_one_letter_code_can   CGTACG 
_entity_poly.pdbx_strand_id                 A 
_entity_poly.pdbx_target_identifier         ? 
# 
loop_
_pdbx_entity_nonpoly.entity_id 
_pdbx_entity_nonpoly.name 
_pdbx_entity_nonpoly.comp_id 
2 NOGALAMYCIN NGM 
3 water       HOH 
# 
loop_
_entity_poly_seq.entity_id 
_entity_poly_seq.num 
_entity_poly_seq.mon_id 
_entity_poly_seq.hetero 
1 1 5CM n 
1 2 DG  n 
1 3 DT  n 
1 4 DA  n 
1 5 5CM n 
1 6 DG  n 
# 
loop_
_chem_comp.id 
_chem_comp.type 
_chem_comp.mon_nstd_flag 
_chem_comp.name 
_chem_comp.pdbx_synonyms 
_chem_comp.formula 
_chem_comp.formula_weight 
5CM 'DNA linking' n "5-METHYL-2'-DEOXY-CYTIDINE-5'-MONOPHOSPHATE" ? 'C10 H16 N3 O7 P' 321.224 
DA  'DNA linking' y "2'-DEOXYADENOSINE-5'-MONOPHOSPHATE"          ? 'C10 H14 N5 O6 P' 331.222 
DG  'DNA linking' y "2'-DEOXYGUANOSINE-5'-MONOPHOSPHATE"          ? 'C10 H14 N5 O7 P' 347.221 
DT  'DNA linking' y "THYMIDINE-5'-MONOPHOSPHATE"                  ? 'C10 H15 N2 O8 P' 322.208 
HOH non-polymer   . WATER                                         ? 'H2 O'            18.015  
NGM non-polymer   . NOGALAMYCIN                                   ? 'C39 H49 N O16'   787.803 
# 
loop_
_pdbx_poly_seq_scheme.asym_id 
_pdbx_poly_seq_scheme.entity_id 
_pdbx_poly_seq_scheme.seq_id 
_pdbx_poly_seq_scheme.mon_id 
_pdbx_poly_seq_scheme.ndb_seq_num 
_pdbx_poly_seq_scheme.pdb_seq_num 
_pdbx_poly_seq_scheme.auth_seq_num 
_pdbx_poly_seq_scheme.pdb_mon_id 
_pdbx_poly_seq_scheme.auth_mon_id 
_pdbx_poly_seq_scheme.pdb_strand_id 
_pdbx_poly_seq_scheme.pdb_ins_code 
_pdbx_poly_seq_scheme.hetero 
A 1 1 5CM 1 1 1 5CM 5CM A . n 
A 1 2 DG  2 2 2 DG  DG  A . n 
A 1 3 DT  3 3 3 DT  DT  A . n 
A 1 4 DA  4 4 4 DA  DA  A . n 
A 1 5 5CM 5 5 5 5CM 5CM A . n 
A 1 6 DG  6 6 6 DG  DG  A . n 
# 
loop_
_pdbx_nonpoly_scheme.asym_id 
_pdbx_nonpoly_scheme.entity_id 
_pdbx_nonpoly_scheme.mon_id 
_pdbx_nonpoly_scheme.ndb_seq_num 
_pdbx_nonpoly_scheme.pdb_seq_num 
_pdbx_nonpoly_scheme.auth_seq_num 
_pdbx_nonpoly_scheme.pdb_mon_id 
_pdbx_nonpoly_scheme.auth_mon_id 
_pdbx_nonpoly_scheme.pdb_strand_id 
_pdbx_nonpoly_scheme.pdb_ins_code 
B 2 NGM 1  7  7  NGM NGM A . 
C 3 HOH 1  8  8  HOH HOH A . 
C 3 HOH 2  9  9  HOH HOH A . 
C 3 HOH 3  10 10 HOH HOH A . 
C 3 HOH 4  11 11 HOH HOH A . 
C 3 HOH 5  12 12 HOH HOH A . 
C 3 HOH 6  13 13 HOH HOH A . 
C 3 HOH 7  14 14 HOH HOH A . 
C 3 HOH 8  15 15 HOH HOH A . 
C 3 HOH 9  16 16 HOH HOH A . 
C 3 HOH 10 17 17 HOH HOH A . 
C 3 HOH 11 18 18 HOH HOH A . 
C 3 HOH 12 19 19 HOH HOH A . 
C 3 HOH 13 20 20 HOH HOH A . 
C 3 HOH 14 21 21 HOH HOH A . 
C 3 HOH 15 22 22 HOH HOH A . 
C 3 HOH 16 23 23 HOH HOH A . 
C 3 HOH 17 24 24 HOH HOH A . 
C 3 HOH 18 25 25 HOH HOH A . 
C 3 HOH 19 26 26 HOH HOH A . 
C 3 HOH 20 27 27 HOH HOH A . 
C 3 HOH 21 28 28 HOH HOH A . 
C 3 HOH 22 29 29 HOH HOH A . 
C 3 HOH 23 30 30 HOH HOH A . 
C 3 HOH 24 31 31 HOH HOH A . 
C 3 HOH 25 32 32 HOH HOH A . 
C 3 HOH 26 33 33 HOH HOH A . 
C 3 HOH 27 34 34 HOH HOH A . 
C 3 HOH 28 35 35 HOH HOH A . 
C 3 HOH 29 36 36 HOH HOH A . 
C 3 HOH 30 37 37 HOH HOH A . 
C 3 HOH 31 38 38 HOH HOH A . 
C 3 HOH 32 39 39 HOH HOH A . 
C 3 HOH 33 40 40 HOH HOH A . 
C 3 HOH 34 41 41 HOH HOH A . 
C 3 HOH 35 42 42 HOH HOH A . 
C 3 HOH 36 43 43 HOH HOH A . 
C 3 HOH 37 44 44 HOH HOH A . 
C 3 HOH 38 45 45 HOH HOH A . 
C 3 HOH 39 46 46 HOH HOH A . 
# 
_software.name             X-PLOR 
_software.classification   refinement 
_software.version          . 
_software.citation_id      ? 
_software.pdbx_ordinal     1 
# 
_cell.entry_id           1D17 
_cell.length_a           26.300 
_cell.length_b           26.300 
_cell.length_c           100.010 
_cell.angle_alpha        90.00 
_cell.angle_beta         90.00 
_cell.angle_gamma        120.00 
_cell.Z_PDB              12 
_cell.pdbx_unique_axis   ? 
_cell.length_a_esd       ? 
_cell.length_b_esd       ? 
_cell.length_c_esd       ? 
_cell.angle_alpha_esd    ? 
_cell.angle_beta_esd     ? 
_cell.angle_gamma_esd    ? 
# 
_symmetry.entry_id                         1D17 
_symmetry.space_group_name_H-M             'P 61 2 2' 
_symmetry.pdbx_full_space_group_name_H-M   ? 
_symmetry.cell_setting                     ? 
_symmetry.Int_Tables_number                178 
_symmetry.space_group_name_Hall            ? 
# 
_exptl.entry_id          1D17 
_exptl.method            'X-RAY DIFFRACTION' 
_exptl.crystals_number   ? 
# 
_exptl_crystal.id                    1 
_exptl_crystal.density_meas          ? 
_exptl_crystal.density_percent_sol   54.73 
_exptl_crystal.density_Matthews      2.72 
_exptl_crystal.description           ? 
_exptl_crystal.F_000                 ? 
_exptl_crystal.preparation           ? 
# 
_exptl_crystal_grow.crystal_id      1 
_exptl_crystal_grow.method          'VAPOR DIFFUSION, SITTING DROP' 
_exptl_crystal_grow.temp            ? 
_exptl_crystal_grow.temp_details    'ROOM TEMPERATURE' 
_exptl_crystal_grow.pH              6.00 
_exptl_crystal_grow.pdbx_details    'pH 6.00, VAPOR DIFFUSION, SITTING DROP' 
_exptl_crystal_grow.pdbx_pH_range   ? 
# 
loop_
_exptl_crystal_grow_comp.crystal_id 
_exptl_crystal_grow_comp.id 
_exptl_crystal_grow_comp.sol_id 
_exptl_crystal_grow_comp.name 
_exptl_crystal_grow_comp.volume 
_exptl_crystal_grow_comp.conc 
_exptl_crystal_grow_comp.details 
1 1 1 WATER           ? ? ? 
1 2 1 MPD             ? ? ? 
1 3 1 METHANOL        ? ? ? 
1 4 1 'NA CACODYLATE' ? ? ? 
1 5 1 MGCL2           ? ? ? 
1 6 1 SPERMINE        ? ? ? 
1 7 2 WATER           ? ? ? 
1 8 2 MPD             ? ? ? 
# 
_diffrn.id                     1 
_diffrn.ambient_temp           300.00 
_diffrn.ambient_temp_details   ? 
_diffrn.crystal_id             1 
# 
_diffrn_detector.diffrn_id              1 
_diffrn_detector.detector               DIFFRACTOMETER 
_diffrn_detector.type                   'RIGAKU AFC-5' 
_diffrn_detector.pdbx_collection_date   ? 
_diffrn_detector.details                ? 
# 
_diffrn_radiation.diffrn_id                        1 
_diffrn_radiation.wavelength_id                    1 
_diffrn_radiation.pdbx_monochromatic_or_laue_m_l   ? 
_diffrn_radiation.monochromator                    ? 
_diffrn_radiation.pdbx_diffrn_protocol             ? 
_diffrn_radiation.pdbx_scattering_type             x-ray 
# 
_diffrn_radiation_wavelength.id           1 
_diffrn_radiation_wavelength.wavelength   1.5418 
_diffrn_radiation_wavelength.wt           1.0 
# 
_diffrn_source.diffrn_id                   1 
_diffrn_source.source                      'ROTATING ANODE' 
_diffrn_source.type                        RIGAKU 
_diffrn_source.pdbx_synchrotron_site       ? 
_diffrn_source.pdbx_synchrotron_beamline   ? 
_diffrn_source.pdbx_wavelength             1.5418 
_diffrn_source.pdbx_wavelength_list        ? 
# 
_refine.entry_id                                 1D17 
_refine.ls_number_reflns_obs                     809 
_refine.ls_number_reflns_all                     ? 
_refine.pdbx_ls_sigma_I                          ? 
_refine.pdbx_ls_sigma_F                          2.000 
_refine.pdbx_data_cutoff_high_absF               ? 
_refine.pdbx_data_cutoff_low_absF                ? 
_refine.pdbx_data_cutoff_high_rms_absF           ? 
_refine.ls_d_res_low                             ? 
_refine.ls_d_res_high                            2.000 
_refine.ls_percent_reflns_obs                    ? 
_refine.ls_R_factor_obs                          0.206 
_refine.ls_R_factor_all                          ? 
_refine.ls_R_factor_R_work                       0.206 
_refine.ls_R_factor_R_free                       ? 
_refine.ls_R_factor_R_free_error                 ? 
_refine.ls_R_factor_R_free_error_details         ? 
_refine.ls_percent_reflns_R_free                 ? 
_refine.ls_number_reflns_R_free                  ? 
_refine.ls_number_parameters                     ? 
_refine.ls_number_restraints                     ? 
_refine.occupancy_min                            ? 
_refine.occupancy_max                            ? 
_refine.B_iso_mean                               ? 
_refine.aniso_B[1][1]                            ? 
_refine.aniso_B[2][2]                            ? 
_refine.aniso_B[3][3]                            ? 
_refine.aniso_B[1][2]                            ? 
_refine.aniso_B[1][3]                            ? 
_refine.aniso_B[2][3]                            ? 
_refine.solvent_model_details                    ? 
_refine.solvent_model_param_ksol                 ? 
_refine.solvent_model_param_bsol                 ? 
_refine.pdbx_ls_cross_valid_method               ? 
_refine.details                                  ? 
_refine.pdbx_starting_model                      ? 
_refine.pdbx_method_to_determine_struct          ? 
_refine.pdbx_isotropic_thermal_model             ? 
_refine.pdbx_stereochemistry_target_values       ? 
_refine.pdbx_stereochem_target_val_spec_case     ? 
_refine.pdbx_R_Free_selection_details            ? 
_refine.pdbx_overall_ESU_R_Free                  ? 
_refine.overall_SU_ML                            ? 
_refine.overall_SU_B                             ? 
_refine.pdbx_refine_id                           'X-RAY DIFFRACTION' 
_refine.pdbx_diffrn_id                           1 
_refine.ls_redundancy_reflns_obs                 ? 
_refine.pdbx_overall_phase_error                 ? 
_refine.correlation_coeff_Fo_to_Fc               ? 
_refine.correlation_coeff_Fo_to_Fc_free          ? 
_refine.pdbx_solvent_vdw_probe_radii             ? 
_refine.pdbx_solvent_ion_probe_radii             ? 
_refine.pdbx_solvent_shrinkage_radii             ? 
_refine.overall_SU_R_Cruickshank_DPI             ? 
_refine.overall_SU_R_free                        ? 
_refine.ls_wR_factor_R_free                      ? 
_refine.ls_wR_factor_R_work                      ? 
_refine.overall_FOM_free_R_set                   ? 
_refine.overall_FOM_work_R_set                   ? 
_refine.pdbx_overall_ESU_R                       ? 
_refine.pdbx_TLS_residual_ADP_flag               ? 
_refine.pdbx_overall_SU_R_free_Cruickshank_DPI   ? 
_refine.pdbx_overall_SU_R_Blow_DPI               ? 
_refine.pdbx_overall_SU_R_free_Blow_DPI          ? 
# 
_refine_hist.pdbx_refine_id                   'X-RAY DIFFRACTION' 
_refine_hist.cycle_id                         LAST 
_refine_hist.pdbx_number_atoms_protein        0 
_refine_hist.pdbx_number_atoms_nucleic_acid   122 
_refine_hist.pdbx_number_atoms_ligand         56 
_refine_hist.number_atoms_solvent             39 
_refine_hist.number_atoms_total               217 
_refine_hist.d_res_high                       2.000 
_refine_hist.d_res_low                        . 
# 
_struct.entry_id                  1D17 
_struct.title                     'DNA-NOGALAMYCIN INTERACTIONS' 
_struct.pdbx_model_details        ? 
_struct.pdbx_CASP_flag            ? 
_struct.pdbx_model_type_details   ? 
# 
_struct_keywords.entry_id        1D17 
_struct_keywords.pdbx_keywords   DNA 
_struct_keywords.text            'RIGHT HANDED DNA, DOUBLE HELIX, COMPLEXED WITH DRUG, MODIFIED, DNA' 
# 
loop_
_struct_asym.id 
_struct_asym.pdbx_blank_PDB_chainid_flag 
_struct_asym.pdbx_modified 
_struct_asym.entity_id 
_struct_asym.details 
A N N 1 ? 
B N N 2 ? 
C N N 3 ? 
# 
_struct_ref.id                         1 
_struct_ref.entity_id                  1 
_struct_ref.db_name                    PDB 
_struct_ref.db_code                    1D17 
_struct_ref.pdbx_db_accession          1D17 
_struct_ref.pdbx_align_begin           ? 
_struct_ref.pdbx_seq_one_letter_code   ? 
_struct_ref.pdbx_db_isoform            ? 
# 
_struct_ref_seq.align_id                      1 
_struct_ref_seq.ref_id                        1 
_struct_ref_seq.pdbx_PDB_id_code              1D17 
_struct_ref_seq.pdbx_strand_id                A 
_struct_ref_seq.seq_align_beg                 1 
_struct_ref_seq.pdbx_seq_align_beg_ins_code   ? 
_struct_ref_seq.seq_align_end                 6 
_struct_ref_seq.pdbx_seq_align_end_ins_code   ? 
_struct_ref_seq.pdbx_db_accession             1D17 
_struct_ref_seq.db_align_beg                  1 
_struct_ref_seq.pdbx_db_align_beg_ins_code    ? 
_struct_ref_seq.db_align_end                  6 
_struct_ref_seq.pdbx_db_align_end_ins_code    ? 
_struct_ref_seq.pdbx_auth_seq_align_beg       1 
_struct_ref_seq.pdbx_auth_seq_align_end       6 
# 
_pdbx_struct_assembly.id                   1 
_pdbx_struct_assembly.details              author_defined_assembly 
_pdbx_struct_assembly.method_details       ? 
_pdbx_struct_assembly.oligomeric_details   dimeric 
_pdbx_struct_assembly.oligomeric_count     2 
# 
_pdbx_struct_assembly_gen.assembly_id       1 
_pdbx_struct_assembly_gen.oper_expression   1,2 
_pdbx_struct_assembly_gen.asym_id_list      A,B,C 
# 
loop_
_pdbx_struct_oper_list.id 
_pdbx_struct_oper_list.type 
_pdbx_struct_oper_list.name 
_pdbx_struct_oper_list.symmetry_operation 
_pdbx_struct_oper_list.matrix[1][1] 
_pdbx_struct_oper_list.matrix[1][2] 
_pdbx_struct_oper_list.matrix[1][3] 
_pdbx_struct_oper_list.vector[1] 
_pdbx_struct_oper_list.matrix[2][1] 
_pdbx_struct_oper_list.matrix[2][2] 
_pdbx_struct_oper_list.matrix[2][3] 
_pdbx_struct_oper_list.vector[2] 
_pdbx_struct_oper_list.matrix[3][1] 
_pdbx_struct_oper_list.matrix[3][2] 
_pdbx_struct_oper_list.matrix[3][3] 
_pdbx_struct_oper_list.vector[3] 
1 'identity operation'         1_555  x,y,z           1.0000000000  0.0000000000 0.0000000000  0.0000000000  0.0000000000 1.0000000000  0.0000000000  0.0000000000 0.0000000000  0.0000000000  1.0000000000 0.0000000000 
2 'crystal symmetry operation' 11_655 -x+y+1,y,-z+1/2 -0.9389271363 0.0604697538 -0.3387613342 -3.6173107996 0.0604697538 -0.9401274003 -0.3354159807 6.6119385008 -0.3387613342 -0.3354159807 0.8790545366 0.5281085698 
# 
_struct_biol.id        1 
_struct_biol.details   ? 
# 
loop_
_struct_conn.id 
_struct_conn.conn_type_id 
_struct_conn.pdbx_leaving_atom_flag 
_struct_conn.pdbx_PDB_id 
_struct_conn.ptnr1_label_asym_id 
_struct_conn.ptnr1_label_comp_id 
_struct_conn.ptnr1_label_seq_id 
_struct_conn.ptnr1_label_atom_id 
_struct_conn.pdbx_ptnr1_label_alt_id 
_struct_conn.pdbx_ptnr1_PDB_ins_code 
_struct_conn.pdbx_ptnr1_standard_comp_id 
_struct_conn.ptnr1_symmetry 
_struct_conn.ptnr2_label_asym_id 
_struct_conn.ptnr2_label_comp_id 
_struct_conn.ptnr2_label_seq_id 
_struct_conn.ptnr2_label_atom_id 
_struct_conn.pdbx_ptnr2_label_alt_id 
_struct_conn.pdbx_ptnr2_PDB_ins_code 
_struct_conn.ptnr1_auth_asym_id 
_struct_conn.ptnr1_auth_comp_id 
_struct_conn.ptnr1_auth_seq_id 
_struct_conn.ptnr2_auth_asym_id 
_struct_conn.ptnr2_auth_comp_id 
_struct_conn.ptnr2_auth_seq_id 
_struct_conn.ptnr2_symmetry 
_struct_conn.pdbx_ptnr3_label_atom_id 
_struct_conn.pdbx_ptnr3_label_seq_id 
_struct_conn.pdbx_ptnr3_label_comp_id 
_struct_conn.pdbx_ptnr3_label_asym_id 
_struct_conn.pdbx_ptnr3_label_alt_id 
_struct_conn.pdbx_ptnr3_PDB_ins_code 
_struct_conn.details 
_struct_conn.pdbx_dist_value 
_struct_conn.pdbx_value_order 
_struct_conn.pdbx_role 
covale1  covale both ? A 5CM 1 "O3'" ? ? ? 1_555 A DG  2 P  ? ? A 5CM 1 A DG  2 1_555  ? ? ? ? ? ? ?            1.656 ? ? 
covale2  covale both ? A DA  4 "O3'" ? ? ? 1_555 A 5CM 5 P  ? ? A DA  4 A 5CM 5 1_555  ? ? ? ? ? ? ?            1.620 ? ? 
covale3  covale both ? A 5CM 5 "O3'" ? ? ? 1_555 A DG  6 P  ? ? A 5CM 5 A DG  6 1_555  ? ? ? ? ? ? ?            1.643 ? ? 
hydrog1  hydrog ?    ? A 5CM 1 N3    ? ? ? 1_555 A DG  6 N1 ? ? A 5CM 1 A DG  6 11_655 ? ? ? ? ? ? WATSON-CRICK ?     ? ? 
hydrog2  hydrog ?    ? A 5CM 1 N4    ? ? ? 1_555 A DG  6 O6 ? ? A 5CM 1 A DG  6 11_655 ? ? ? ? ? ? WATSON-CRICK ?     ? ? 
hydrog3  hydrog ?    ? A 5CM 1 O2    ? ? ? 1_555 A DG  6 N2 ? ? A 5CM 1 A DG  6 11_655 ? ? ? ? ? ? WATSON-CRICK ?     ? ? 
hydrog4  hydrog ?    ? A DG  2 N1    ? ? ? 1_555 A 5CM 5 N3 ? ? A DG  2 A 5CM 5 11_655 ? ? ? ? ? ? WATSON-CRICK ?     ? ? 
hydrog5  hydrog ?    ? A DG  2 N2    ? ? ? 1_555 A 5CM 5 O2 ? ? A DG  2 A 5CM 5 11_655 ? ? ? ? ? ? WATSON-CRICK ?     ? ? 
hydrog6  hydrog ?    ? A DG  2 O6    ? ? ? 1_555 A 5CM 5 N4 ? ? A DG  2 A 5CM 5 11_655 ? ? ? ? ? ? WATSON-CRICK ?     ? ? 
hydrog7  hydrog ?    ? A DT  3 N3    ? ? ? 1_555 A DA  4 N1 ? ? A DT  3 A DA  4 11_655 ? ? ? ? ? ? WATSON-CRICK ?     ? ? 
hydrog8  hydrog ?    ? A DT  3 O4    ? ? ? 1_555 A DA  4 N6 ? ? A DT  3 A DA  4 11_655 ? ? ? ? ? ? WATSON-CRICK ?     ? ? 
hydrog9  hydrog ?    ? A DA  4 N1    ? ? ? 1_555 A DT  3 N3 ? ? A DA  4 A DT  3 11_655 ? ? ? ? ? ? WATSON-CRICK ?     ? ? 
hydrog10 hydrog ?    ? A DA  4 N6    ? ? ? 1_555 A DT  3 O4 ? ? A DA  4 A DT  3 11_655 ? ? ? ? ? ? WATSON-CRICK ?     ? ? 
hydrog11 hydrog ?    ? A 5CM 5 N3    ? ? ? 1_555 A DG  2 N1 ? ? A 5CM 5 A DG  2 11_655 ? ? ? ? ? ? WATSON-CRICK ?     ? ? 
hydrog12 hydrog ?    ? A 5CM 5 N4    ? ? ? 1_555 A DG  2 O6 ? ? A 5CM 5 A DG  2 11_655 ? ? ? ? ? ? WATSON-CRICK ?     ? ? 
hydrog13 hydrog ?    ? A 5CM 5 O2    ? ? ? 1_555 A DG  2 N2 ? ? A 5CM 5 A DG  2 11_655 ? ? ? ? ? ? WATSON-CRICK ?     ? ? 
hydrog14 hydrog ?    ? A DG  6 N1    ? ? ? 1_555 A 5CM 1 N3 ? ? A DG  6 A 5CM 1 11_655 ? ? ? ? ? ? WATSON-CRICK ?     ? ? 
hydrog15 hydrog ?    ? A DG  6 N2    ? ? ? 1_555 A 5CM 1 O2 ? ? A DG  6 A 5CM 1 11_655 ? ? ? ? ? ? WATSON-CRICK ?     ? ? 
hydrog16 hydrog ?    ? A DG  6 O6    ? ? ? 1_555 A 5CM 1 N4 ? ? A DG  6 A 5CM 1 11_655 ? ? ? ? ? ? WATSON-CRICK ?     ? ? 
# 
loop_
_struct_conn_type.id 
_struct_conn_type.criteria 
_struct_conn_type.reference 
covale ? ? 
hydrog ? ? 
# 
loop_
_struct_site.id 
_struct_site.pdbx_evidence_code 
_struct_site.pdbx_auth_asym_id 
_struct_site.pdbx_auth_comp_id 
_struct_site.pdbx_auth_seq_id 
_struct_site.pdbx_auth_ins_code 
_struct_site.pdbx_num_residues 
_struct_site.details 
AC1 Software A NGM 7 ? 14 'BINDING SITE FOR RESIDUE NGM A 7' 
1   ?        ? ?   ? ? ?  ?                                  
# 
loop_
_struct_site_gen.id 
_struct_site_gen.site_id 
_struct_site_gen.pdbx_num_res 
_struct_site_gen.label_comp_id 
_struct_site_gen.label_asym_id 
_struct_site_gen.label_seq_id 
_struct_site_gen.pdbx_auth_ins_code 
_struct_site_gen.auth_comp_id 
_struct_site_gen.auth_asym_id 
_struct_site_gen.auth_seq_id 
_struct_site_gen.label_atom_id 
_struct_site_gen.label_alt_id 
_struct_site_gen.symmetry 
_struct_site_gen.details 
1  AC1 14 5CM A 1 ? 5CM A 1  . ? 1_555  ? 
2  AC1 14 DG  A 2 ? DG  A 2  . ? 1_555  ? 
3  AC1 14 DG  A 2 ? DG  A 2  . ? 9_655  ? 
4  AC1 14 DT  A 3 ? DT  A 3  . ? 1_555  ? 
5  AC1 14 DT  A 3 ? DT  A 3  . ? 5_564  ? 
6  AC1 14 DA  A 4 ? DA  A 4  . ? 1_555  ? 
7  AC1 14 5CM A 5 ? 5CM A 5  . ? 11_655 ? 
8  AC1 14 DG  A 6 ? DG  A 6  . ? 11_655 ? 
9  AC1 14 HOH C . ? HOH A 35 . ? 1_555  ? 
10 AC1 14 HOH C . ? HOH A 38 . ? 5_564  ? 
11 AC1 14 HOH C . ? HOH A 41 . ? 1_555  ? 
12 AC1 14 HOH C . ? HOH A 42 . ? 1_555  ? 
13 AC1 14 HOH C . ? HOH A 44 . ? 1_555  ? 
14 AC1 14 HOH C . ? HOH A 46 . ? 1_555  ? 
# 
loop_
_pdbx_validate_rmsd_bond.id 
_pdbx_validate_rmsd_bond.PDB_model_num 
_pdbx_validate_rmsd_bond.auth_atom_id_1 
_pdbx_validate_rmsd_bond.auth_asym_id_1 
_pdbx_validate_rmsd_bond.auth_comp_id_1 
_pdbx_validate_rmsd_bond.auth_seq_id_1 
_pdbx_validate_rmsd_bond.PDB_ins_code_1 
_pdbx_validate_rmsd_bond.label_alt_id_1 
_pdbx_validate_rmsd_bond.auth_atom_id_2 
_pdbx_validate_rmsd_bond.auth_asym_id_2 
_pdbx_validate_rmsd_bond.auth_comp_id_2 
_pdbx_validate_rmsd_bond.auth_seq_id_2 
_pdbx_validate_rmsd_bond.PDB_ins_code_2 
_pdbx_validate_rmsd_bond.label_alt_id_2 
_pdbx_validate_rmsd_bond.bond_value 
_pdbx_validate_rmsd_bond.bond_target_value 
_pdbx_validate_rmsd_bond.bond_deviation 
_pdbx_validate_rmsd_bond.bond_standard_deviation 
_pdbx_validate_rmsd_bond.linker_flag 
1 1 C5 A DT 3 ? ? C7 A DT 3 ? ? 1.550 1.496 0.054  0.006 N 
2 1 N9 A DA 4 ? ? C4 A DA 4 ? ? 1.337 1.374 -0.037 0.006 N 
# 
loop_
_pdbx_validate_rmsd_angle.id 
_pdbx_validate_rmsd_angle.PDB_model_num 
_pdbx_validate_rmsd_angle.auth_atom_id_1 
_pdbx_validate_rmsd_angle.auth_asym_id_1 
_pdbx_validate_rmsd_angle.auth_comp_id_1 
_pdbx_validate_rmsd_angle.auth_seq_id_1 
_pdbx_validate_rmsd_angle.PDB_ins_code_1 
_pdbx_validate_rmsd_angle.label_alt_id_1 
_pdbx_validate_rmsd_angle.auth_atom_id_2 
_pdbx_validate_rmsd_angle.auth_asym_id_2 
_pdbx_validate_rmsd_angle.auth_comp_id_2 
_pdbx_validate_rmsd_angle.auth_seq_id_2 
_pdbx_validate_rmsd_angle.PDB_ins_code_2 
_pdbx_validate_rmsd_angle.label_alt_id_2 
_pdbx_validate_rmsd_angle.auth_atom_id_3 
_pdbx_validate_rmsd_angle.auth_asym_id_3 
_pdbx_validate_rmsd_angle.auth_comp_id_3 
_pdbx_validate_rmsd_angle.auth_seq_id_3 
_pdbx_validate_rmsd_angle.PDB_ins_code_3 
_pdbx_validate_rmsd_angle.label_alt_id_3 
_pdbx_validate_rmsd_angle.angle_value 
_pdbx_validate_rmsd_angle.angle_target_value 
_pdbx_validate_rmsd_angle.angle_deviation 
_pdbx_validate_rmsd_angle.angle_standard_deviation 
_pdbx_validate_rmsd_angle.linker_flag 
1  1 "C3'" A 5CM 1 ? ? "O3'" A 5CM 1 ? ? P     A DG 2 ? ? 128.67 119.70 8.97  1.20 Y 
2  1 "C5'" A DG  2 ? ? "C4'" A DG  2 ? ? "O4'" A DG 2 ? ? 116.43 109.80 6.63  1.10 N 
3  1 "C1'" A DG  2 ? ? "O4'" A DG  2 ? ? "C4'" A DG 2 ? ? 100.87 110.10 -9.23 1.00 N 
4  1 "O4'" A DG  2 ? ? "C1'" A DG  2 ? ? "C2'" A DG 2 ? ? 100.39 105.90 -5.51 0.80 N 
5  1 "O4'" A DG  2 ? ? "C1'" A DG  2 ? ? N9    A DG 2 ? ? 115.38 108.30 7.08  0.30 N 
6  1 "O4'" A DT  3 ? ? "C1'" A DT  3 ? ? N1    A DT 3 ? ? 115.94 108.30 7.64  0.30 N 
7  1 "O4'" A DA  4 ? ? "C1'" A DA  4 ? ? N9    A DA 4 ? ? 103.74 108.00 -4.26 0.70 N 
8  1 C5    A DA  4 ? ? N7    A DA  4 ? ? C8    A DA 4 ? ? 100.65 103.90 -3.25 0.50 N 
9  1 N7    A DA  4 ? ? C8    A DA  4 ? ? N9    A DA 4 ? ? 117.60 113.80 3.80  0.50 N 
10 1 C8    A DA  4 ? ? N9    A DA  4 ? ? C4    A DA 4 ? ? 103.31 105.80 -2.49 0.40 N 
11 1 "O4'" A DG  6 ? ? "C1'" A DG  6 ? ? N9    A DG 6 ? ? 112.31 108.30 4.01  0.30 N 
12 1 C8    A DG  6 ? ? N9    A DG  6 ? ? C4    A DG 6 ? ? 103.92 106.40 -2.48 0.40 N 
13 1 N9    A DG  6 ? ? C4    A DG  6 ? ? C5    A DG 6 ? ? 108.00 105.40 2.60  0.40 N 
14 1 N1    A DG  6 ? ? C6    A DG  6 ? ? O6    A DG 6 ? ? 115.56 119.90 -4.34 0.60 N 
# 
loop_
_pdbx_validate_planes.id 
_pdbx_validate_planes.PDB_model_num 
_pdbx_validate_planes.auth_comp_id 
_pdbx_validate_planes.auth_asym_id 
_pdbx_validate_planes.auth_seq_id 
_pdbx_validate_planes.PDB_ins_code 
_pdbx_validate_planes.label_alt_id 
_pdbx_validate_planes.rmsd 
_pdbx_validate_planes.type 
1 1 DT A 3 ? ? 0.133 'SIDE CHAIN' 
2 1 DA A 4 ? ? 0.055 'SIDE CHAIN' 
# 
loop_
_pdbx_struct_mod_residue.id 
_pdbx_struct_mod_residue.label_asym_id 
_pdbx_struct_mod_residue.label_comp_id 
_pdbx_struct_mod_residue.label_seq_id 
_pdbx_struct_mod_residue.auth_asym_id 
_pdbx_struct_mod_residue.auth_comp_id 
_pdbx_struct_mod_residue.auth_seq_id 
_pdbx_struct_mod_residue.PDB_ins_code 
_pdbx_struct_mod_residue.parent_comp_id 
_pdbx_struct_mod_residue.details 
1 A 5CM 1 A 5CM 1 ? DC ? 
2 A 5CM 5 A 5CM 5 ? DC ? 
# 
_struct_site_keywords.site_id   1 
_struct_site_keywords.text      INTERCALATION 
# 
loop_
_refine_B_iso.class 
_refine_B_iso.details 
_refine_B_iso.treatment 
_refine_B_iso.pdbx_refine_id 
'ALL ATOMS'  TR isotropic 'X-RAY DIFFRACTION' 
'ALL WATERS' TR isotropic 'X-RAY DIFFRACTION' 
# 
loop_
_refine_occupancy.class 
_refine_occupancy.treatment 
_refine_occupancy.pdbx_refine_id 
'ALL ATOMS'  fix 'X-RAY DIFFRACTION' 
'ALL WATERS' fix 'X-RAY DIFFRACTION' 
# 
loop_
_chem_comp_atom.comp_id 
_chem_comp_atom.atom_id 
_chem_comp_atom.type_symbol 
_chem_comp_atom.pdbx_aromatic_flag 
_chem_comp_atom.pdbx_stereo_config 
_chem_comp_atom.pdbx_ordinal 
5CM N1     N N N 1   
5CM C2     C N N 2   
5CM N3     N N N 3   
5CM C4     C N N 4   
5CM C5     C N N 5   
5CM C5A    C N N 6   
5CM C6     C N N 7   
5CM O2     O N N 8   
5CM N4     N N N 9   
5CM "C1'"  C N R 10  
5CM "C2'"  C N N 11  
5CM "C3'"  C N S 12  
5CM "C4'"  C N R 13  
5CM "O4'"  O N N 14  
5CM "O3'"  O N N 15  
5CM "C5'"  C N N 16  
5CM "O5'"  O N N 17  
5CM P      P N N 18  
5CM OP1    O N N 19  
5CM OP2    O N N 20  
5CM OP3    O N N 21  
5CM H5A1   H N N 22  
5CM H5A2   H N N 23  
5CM H5A3   H N N 24  
5CM H6     H N N 25  
5CM HN41   H N N 26  
5CM HN42   H N N 27  
5CM "H1'"  H N N 28  
5CM "H2'"  H N N 29  
5CM "H2''" H N N 30  
5CM "H3'"  H N N 31  
5CM "H4'"  H N N 32  
5CM "HO3'" H N N 33  
5CM "H5'"  H N N 34  
5CM "H5''" H N N 35  
5CM HOP2   H N N 36  
5CM HOP3   H N N 37  
DA  OP3    O N N 38  
DA  P      P N N 39  
DA  OP1    O N N 40  
DA  OP2    O N N 41  
DA  "O5'"  O N N 42  
DA  "C5'"  C N N 43  
DA  "C4'"  C N R 44  
DA  "O4'"  O N N 45  
DA  "C3'"  C N S 46  
DA  "O3'"  O N N 47  
DA  "C2'"  C N N 48  
DA  "C1'"  C N R 49  
DA  N9     N Y N 50  
DA  C8     C Y N 51  
DA  N7     N Y N 52  
DA  C5     C Y N 53  
DA  C6     C Y N 54  
DA  N6     N N N 55  
DA  N1     N Y N 56  
DA  C2     C Y N 57  
DA  N3     N Y N 58  
DA  C4     C Y N 59  
DA  HOP3   H N N 60  
DA  HOP2   H N N 61  
DA  "H5'"  H N N 62  
DA  "H5''" H N N 63  
DA  "H4'"  H N N 64  
DA  "H3'"  H N N 65  
DA  "HO3'" H N N 66  
DA  "H2'"  H N N 67  
DA  "H2''" H N N 68  
DA  "H1'"  H N N 69  
DA  H8     H N N 70  
DA  H61    H N N 71  
DA  H62    H N N 72  
DA  H2     H N N 73  
DG  OP3    O N N 74  
DG  P      P N N 75  
DG  OP1    O N N 76  
DG  OP2    O N N 77  
DG  "O5'"  O N N 78  
DG  "C5'"  C N N 79  
DG  "C4'"  C N R 80  
DG  "O4'"  O N N 81  
DG  "C3'"  C N S 82  
DG  "O3'"  O N N 83  
DG  "C2'"  C N N 84  
DG  "C1'"  C N R 85  
DG  N9     N Y N 86  
DG  C8     C Y N 87  
DG  N7     N Y N 88  
DG  C5     C Y N 89  
DG  C6     C N N 90  
DG  O6     O N N 91  
DG  N1     N N N 92  
DG  C2     C N N 93  
DG  N2     N N N 94  
DG  N3     N N N 95  
DG  C4     C Y N 96  
DG  HOP3   H N N 97  
DG  HOP2   H N N 98  
DG  "H5'"  H N N 99  
DG  "H5''" H N N 100 
DG  "H4'"  H N N 101 
DG  "H3'"  H N N 102 
DG  "HO3'" H N N 103 
DG  "H2'"  H N N 104 
DG  "H2''" H N N 105 
DG  "H1'"  H N N 106 
DG  H8     H N N 107 
DG  H1     H N N 108 
DG  H21    H N N 109 
DG  H22    H N N 110 
DT  OP3    O N N 111 
DT  P      P N N 112 
DT  OP1    O N N 113 
DT  OP2    O N N 114 
DT  "O5'"  O N N 115 
DT  "C5'"  C N N 116 
DT  "C4'"  C N R 117 
DT  "O4'"  O N N 118 
DT  "C3'"  C N S 119 
DT  "O3'"  O N N 120 
DT  "C2'"  C N N 121 
DT  "C1'"  C N R 122 
DT  N1     N N N 123 
DT  C2     C N N 124 
DT  O2     O N N 125 
DT  N3     N N N 126 
DT  C4     C N N 127 
DT  O4     O N N 128 
DT  C5     C N N 129 
DT  C7     C N N 130 
DT  C6     C N N 131 
DT  HOP3   H N N 132 
DT  HOP2   H N N 133 
DT  "H5'"  H N N 134 
DT  "H5''" H N N 135 
DT  "H4'"  H N N 136 
DT  "H3'"  H N N 137 
DT  "HO3'" H N N 138 
DT  "H2'"  H N N 139 
DT  "H2''" H N N 140 
DT  "H1'"  H N N 141 
DT  H3     H N N 142 
DT  H71    H N N 143 
DT  H72    H N N 144 
DT  H73    H N N 145 
DT  H6     H N N 146 
HOH O      O N N 147 
HOH H1     H N N 148 
HOH H2     H N N 149 
NGM C1     C Y N 150 
NGM C2     C Y N 151 
NGM C3     C Y N 152 
NGM C4     C Y N 153 
NGM C5     C N N 154 
NGM C6     C Y N 155 
NGM C7     C N S 156 
NGM C8     C N N 157 
NGM C9     C N S 158 
NGM C10    C N R 159 
NGM C11    C Y N 160 
NGM C12    C N N 161 
NGM C13    C N N 162 
NGM C14    C N N 163 
NGM C15    C N N 164 
NGM C16    C Y N 165 
NGM C17    C Y N 166 
NGM C18    C Y N 167 
NGM C19    C Y N 168 
NGM C20    C Y N 169 
NGM C21    C Y N 170 
NGM C22    C N N 171 
NGM C23    C N N 172 
NGM C24    C N N 173 
NGM C25    C N N 174 
NGM C26    C N N 175 
NGM C27    C N N 176 
NGM C28    C N N 177 
NGM C29    C N N 178 
NGM C30    C N S 179 
NGM C31    C N S 180 
NGM C32    C N R 181 
NGM C33    C N R 182 
NGM C34    C N R 183 
NGM "C1'"  C N R 184 
NGM "C2'"  C N R 185 
NGM "C3'"  C N R 186 
NGM "C4'"  C N S 187 
NGM "C5'"  C N S 188 
NGM N1     N N N 189 
NGM O1     O N N 190 
NGM O2     O N N 191 
NGM O4     O N N 192 
NGM O5     O N N 193 
NGM O6     O N N 194 
NGM O7     O N N 195 
NGM O9     O N N 196 
NGM O10    O N N 197 
NGM O14    O N N 198 
NGM O12    O N N 199 
NGM O15    O N N 200 
NGM O16    O N N 201 
NGM "O1'"  O N N 202 
NGM "O2'"  O N N 203 
NGM "O3'"  O N N 204 
NGM "O4'"  O N N 205 
NGM H3     H N N 206 
NGM H7     H N N 207 
NGM H81    H N N 208 
NGM H82    H N N 209 
NGM H10    H N N 210 
NGM H11    H N N 211 
NGM H131   H N N 212 
NGM H132   H N N 213 
NGM H133   H N N 214 
NGM H151   H N N 215 
NGM H152   H N N 216 
NGM H153   H N N 217 
NGM H221   H N N 218 
NGM H222   H N N 219 
NGM H223   H N N 220 
NGM H231   H N N 221 
NGM H232   H N N 222 
NGM H233   H N N 223 
NGM H241   H N N 224 
NGM H242   H N N 225 
NGM H243   H N N 226 
NGM H251   H N N 227 
NGM H252   H N N 228 
NGM H253   H N N 229 
NGM H261   H N N 230 
NGM H262   H N N 231 
NGM H263   H N N 232 
NGM H271   H N N 233 
NGM H272   H N N 234 
NGM H273   H N N 235 
NGM H281   H N N 236 
NGM H282   H N N 237 
NGM H283   H N N 238 
NGM H291   H N N 239 
NGM H292   H N N 240 
NGM H293   H N N 241 
NGM H30    H N N 242 
NGM H31    H N N 243 
NGM H32    H N N 244 
NGM H33    H N N 245 
NGM "H1'"  H N N 246 
NGM "H2'"  H N N 247 
NGM "H4'"  H N N 248 
NGM "H5'"  H N N 249 
NGM HO4    H N N 250 
NGM HO6    H N N 251 
NGM HO9    H N N 252 
NGM H15    H N N 253 
NGM H16    H N N 254 
# 
loop_
_chem_comp_bond.comp_id 
_chem_comp_bond.atom_id_1 
_chem_comp_bond.atom_id_2 
_chem_comp_bond.value_order 
_chem_comp_bond.pdbx_aromatic_flag 
_chem_comp_bond.pdbx_stereo_config 
_chem_comp_bond.pdbx_ordinal 
5CM N1    C2     sing N N 1   
5CM N1    C6     sing N N 2   
5CM N1    "C1'"  sing N N 3   
5CM C2    N3     sing N N 4   
5CM C2    O2     doub N N 5   
5CM N3    C4     doub N N 6   
5CM C4    C5     sing N N 7   
5CM C4    N4     sing N N 8   
5CM C5    C5A    sing N N 9   
5CM C5    C6     doub N N 10  
5CM C5A   H5A1   sing N N 11  
5CM C5A   H5A2   sing N N 12  
5CM C5A   H5A3   sing N N 13  
5CM C6    H6     sing N N 14  
5CM N4    HN41   sing N N 15  
5CM N4    HN42   sing N N 16  
5CM "C1'" "C2'"  sing N N 17  
5CM "C1'" "O4'"  sing N N 18  
5CM "C1'" "H1'"  sing N N 19  
5CM "C2'" "C3'"  sing N N 20  
5CM "C2'" "H2'"  sing N N 21  
5CM "C2'" "H2''" sing N N 22  
5CM "C3'" "C4'"  sing N N 23  
5CM "C3'" "O3'"  sing N N 24  
5CM "C3'" "H3'"  sing N N 25  
5CM "C4'" "O4'"  sing N N 26  
5CM "C4'" "C5'"  sing N N 27  
5CM "C4'" "H4'"  sing N N 28  
5CM "O3'" "HO3'" sing N N 29  
5CM "C5'" "O5'"  sing N N 30  
5CM "C5'" "H5'"  sing N N 31  
5CM "C5'" "H5''" sing N N 32  
5CM "O5'" P      sing N N 33  
5CM P     OP1    doub N N 34  
5CM P     OP2    sing N N 35  
5CM P     OP3    sing N N 36  
5CM OP2   HOP2   sing N N 37  
5CM OP3   HOP3   sing N N 38  
DA  OP3   P      sing N N 39  
DA  OP3   HOP3   sing N N 40  
DA  P     OP1    doub N N 41  
DA  P     OP2    sing N N 42  
DA  P     "O5'"  sing N N 43  
DA  OP2   HOP2   sing N N 44  
DA  "O5'" "C5'"  sing N N 45  
DA  "C5'" "C4'"  sing N N 46  
DA  "C5'" "H5'"  sing N N 47  
DA  "C5'" "H5''" sing N N 48  
DA  "C4'" "O4'"  sing N N 49  
DA  "C4'" "C3'"  sing N N 50  
DA  "C4'" "H4'"  sing N N 51  
DA  "O4'" "C1'"  sing N N 52  
DA  "C3'" "O3'"  sing N N 53  
DA  "C3'" "C2'"  sing N N 54  
DA  "C3'" "H3'"  sing N N 55  
DA  "O3'" "HO3'" sing N N 56  
DA  "C2'" "C1'"  sing N N 57  
DA  "C2'" "H2'"  sing N N 58  
DA  "C2'" "H2''" sing N N 59  
DA  "C1'" N9     sing N N 60  
DA  "C1'" "H1'"  sing N N 61  
DA  N9    C8     sing Y N 62  
DA  N9    C4     sing Y N 63  
DA  C8    N7     doub Y N 64  
DA  C8    H8     sing N N 65  
DA  N7    C5     sing Y N 66  
DA  C5    C6     sing Y N 67  
DA  C5    C4     doub Y N 68  
DA  C6    N6     sing N N 69  
DA  C6    N1     doub Y N 70  
DA  N6    H61    sing N N 71  
DA  N6    H62    sing N N 72  
DA  N1    C2     sing Y N 73  
DA  C2    N3     doub Y N 74  
DA  C2    H2     sing N N 75  
DA  N3    C4     sing Y N 76  
DG  OP3   P      sing N N 77  
DG  OP3   HOP3   sing N N 78  
DG  P     OP1    doub N N 79  
DG  P     OP2    sing N N 80  
DG  P     "O5'"  sing N N 81  
DG  OP2   HOP2   sing N N 82  
DG  "O5'" "C5'"  sing N N 83  
DG  "C5'" "C4'"  sing N N 84  
DG  "C5'" "H5'"  sing N N 85  
DG  "C5'" "H5''" sing N N 86  
DG  "C4'" "O4'"  sing N N 87  
DG  "C4'" "C3'"  sing N N 88  
DG  "C4'" "H4'"  sing N N 89  
DG  "O4'" "C1'"  sing N N 90  
DG  "C3'" "O3'"  sing N N 91  
DG  "C3'" "C2'"  sing N N 92  
DG  "C3'" "H3'"  sing N N 93  
DG  "O3'" "HO3'" sing N N 94  
DG  "C2'" "C1'"  sing N N 95  
DG  "C2'" "H2'"  sing N N 96  
DG  "C2'" "H2''" sing N N 97  
DG  "C1'" N9     sing N N 98  
DG  "C1'" "H1'"  sing N N 99  
DG  N9    C8     sing Y N 100 
DG  N9    C4     sing Y N 101 
DG  C8    N7     doub Y N 102 
DG  C8    H8     sing N N 103 
DG  N7    C5     sing Y N 104 
DG  C5    C6     sing N N 105 
DG  C5    C4     doub Y N 106 
DG  C6    O6     doub N N 107 
DG  C6    N1     sing N N 108 
DG  N1    C2     sing N N 109 
DG  N1    H1     sing N N 110 
DG  C2    N2     sing N N 111 
DG  C2    N3     doub N N 112 
DG  N2    H21    sing N N 113 
DG  N2    H22    sing N N 114 
DG  N3    C4     sing N N 115 
DT  OP3   P      sing N N 116 
DT  OP3   HOP3   sing N N 117 
DT  P     OP1    doub N N 118 
DT  P     OP2    sing N N 119 
DT  P     "O5'"  sing N N 120 
DT  OP2   HOP2   sing N N 121 
DT  "O5'" "C5'"  sing N N 122 
DT  "C5'" "C4'"  sing N N 123 
DT  "C5'" "H5'"  sing N N 124 
DT  "C5'" "H5''" sing N N 125 
DT  "C4'" "O4'"  sing N N 126 
DT  "C4'" "C3'"  sing N N 127 
DT  "C4'" "H4'"  sing N N 128 
DT  "O4'" "C1'"  sing N N 129 
DT  "C3'" "O3'"  sing N N 130 
DT  "C3'" "C2'"  sing N N 131 
DT  "C3'" "H3'"  sing N N 132 
DT  "O3'" "HO3'" sing N N 133 
DT  "C2'" "C1'"  sing N N 134 
DT  "C2'" "H2'"  sing N N 135 
DT  "C2'" "H2''" sing N N 136 
DT  "C1'" N1     sing N N 137 
DT  "C1'" "H1'"  sing N N 138 
DT  N1    C2     sing N N 139 
DT  N1    C6     sing N N 140 
DT  C2    O2     doub N N 141 
DT  C2    N3     sing N N 142 
DT  N3    C4     sing N N 143 
DT  N3    H3     sing N N 144 
DT  C4    O4     doub N N 145 
DT  C4    C5     sing N N 146 
DT  C5    C7     sing N N 147 
DT  C5    C6     doub N N 148 
DT  C7    H71    sing N N 149 
DT  C7    H72    sing N N 150 
DT  C7    H73    sing N N 151 
DT  C6    H6     sing N N 152 
HOH O     H1     sing N N 153 
HOH O     H2     sing N N 154 
NGM C1    C2     doub Y N 155 
NGM C1    C16    sing Y N 156 
NGM C1    O1     sing N N 157 
NGM C2    C3     sing Y N 158 
NGM C2    C34    sing N N 159 
NGM C3    C4     doub Y N 160 
NGM C3    H3     sing N N 161 
NGM C4    C17    sing Y N 162 
NGM C4    O4     sing N N 163 
NGM C5    C17    sing N N 164 
NGM C5    C18    sing N N 165 
NGM C5    O5     doub N N 166 
NGM C6    C18    doub Y N 167 
NGM C6    C19    sing Y N 168 
NGM C6    O6     sing N N 169 
NGM C7    C8     sing N N 170 
NGM C7    C19    sing N N 171 
NGM C7    O7     sing N N 172 
NGM C7    H7     sing N N 173 
NGM C8    C9     sing N N 174 
NGM C8    H81    sing N N 175 
NGM C8    H82    sing N N 176 
NGM C9    C10    sing N N 177 
NGM C9    C13    sing N N 178 
NGM C9    O9     sing N N 179 
NGM C10   C14    sing N N 180 
NGM C10   C20    sing N N 181 
NGM C10   H10    sing N N 182 
NGM C11   C20    sing Y N 183 
NGM C11   C21    doub Y N 184 
NGM C11   H11    sing N N 185 
NGM C12   C16    sing N N 186 
NGM C12   C21    sing N N 187 
NGM C12   O12    doub N N 188 
NGM C13   H131   sing N N 189 
NGM C13   H132   sing N N 190 
NGM C13   H133   sing N N 191 
NGM C14   O10    sing N N 192 
NGM C14   O14    doub N N 193 
NGM C15   O10    sing N N 194 
NGM C15   H151   sing N N 195 
NGM C15   H152   sing N N 196 
NGM C15   H153   sing N N 197 
NGM C16   C17    doub Y N 198 
NGM C18   C21    sing Y N 199 
NGM C19   C20    doub Y N 200 
NGM C22   C34    sing N N 201 
NGM C22   H221   sing N N 202 
NGM C22   H222   sing N N 203 
NGM C22   H223   sing N N 204 
NGM C23   N1     sing N N 205 
NGM C23   H231   sing N N 206 
NGM C23   H232   sing N N 207 
NGM C23   H233   sing N N 208 
NGM C24   N1     sing N N 209 
NGM C24   H241   sing N N 210 
NGM C24   H242   sing N N 211 
NGM C24   H243   sing N N 212 
NGM C25   "C5'"  sing N N 213 
NGM C25   H251   sing N N 214 
NGM C25   H252   sing N N 215 
NGM C25   H253   sing N N 216 
NGM C26   "O4'"  sing N N 217 
NGM C26   H261   sing N N 218 
NGM C26   H262   sing N N 219 
NGM C26   H263   sing N N 220 
NGM C27   "O3'"  sing N N 221 
NGM C27   H271   sing N N 222 
NGM C27   H272   sing N N 223 
NGM C27   H273   sing N N 224 
NGM C28   "C3'"  sing N N 225 
NGM C28   H281   sing N N 226 
NGM C28   H282   sing N N 227 
NGM C28   H283   sing N N 228 
NGM C29   "O2'"  sing N N 229 
NGM C29   H291   sing N N 230 
NGM C29   H292   sing N N 231 
NGM C29   H293   sing N N 232 
NGM C30   C31    sing N N 233 
NGM C30   O1     sing N N 234 
NGM C30   O2     sing N N 235 
NGM C30   H30    sing N N 236 
NGM C31   C32    sing N N 237 
NGM C31   O15    sing N N 238 
NGM C31   H31    sing N N 239 
NGM C32   C33    sing N N 240 
NGM C32   N1     sing N N 241 
NGM C32   H32    sing N N 242 
NGM C33   C34    sing N N 243 
NGM C33   O16    sing N N 244 
NGM C33   H33    sing N N 245 
NGM C34   O2     sing N N 246 
NGM "C1'" "C2'"  sing N N 247 
NGM "C1'" O7     sing N N 248 
NGM "C1'" "O1'"  sing N N 249 
NGM "C1'" "H1'"  sing N N 250 
NGM "C2'" "C3'"  sing N N 251 
NGM "C2'" "O2'"  sing N N 252 
NGM "C2'" "H2'"  sing N N 253 
NGM "C3'" "C4'"  sing N N 254 
NGM "C3'" "O3'"  sing N N 255 
NGM "C4'" "C5'"  sing N N 256 
NGM "C4'" "O4'"  sing N N 257 
NGM "C4'" "H4'"  sing N N 258 
NGM "C5'" "O1'"  sing N N 259 
NGM "C5'" "H5'"  sing N N 260 
NGM O4    HO4    sing N N 261 
NGM O6    HO6    sing N N 262 
NGM O9    HO9    sing N N 263 
NGM O15   H15    sing N N 264 
NGM O16   H16    sing N N 265 
# 
_ndb_struct_conf_na.entry_id   1D17 
_ndb_struct_conf_na.feature    'b-form double helix' 
# 
loop_
_ndb_struct_na_base_pair.model_number 
_ndb_struct_na_base_pair.i_label_asym_id 
_ndb_struct_na_base_pair.i_label_comp_id 
_ndb_struct_na_base_pair.i_label_seq_id 
_ndb_struct_na_base_pair.i_symmetry 
_ndb_struct_na_base_pair.j_label_asym_id 
_ndb_struct_na_base_pair.j_label_comp_id 
_ndb_struct_na_base_pair.j_label_seq_id 
_ndb_struct_na_base_pair.j_symmetry 
_ndb_struct_na_base_pair.shear 
_ndb_struct_na_base_pair.stretch 
_ndb_struct_na_base_pair.stagger 
_ndb_struct_na_base_pair.buckle 
_ndb_struct_na_base_pair.propeller 
_ndb_struct_na_base_pair.opening 
_ndb_struct_na_base_pair.pair_number 
_ndb_struct_na_base_pair.pair_name 
_ndb_struct_na_base_pair.i_auth_asym_id 
_ndb_struct_na_base_pair.i_auth_seq_id 
_ndb_struct_na_base_pair.i_PDB_ins_code 
_ndb_struct_na_base_pair.j_auth_asym_id 
_ndb_struct_na_base_pair.j_auth_seq_id 
_ndb_struct_na_base_pair.j_PDB_ins_code 
_ndb_struct_na_base_pair.hbond_type_28 
_ndb_struct_na_base_pair.hbond_type_12 
1 A 5CM 1 1_555 A DG  6 11_655 0.647  -0.449 0.046  12.620  -6.336 -0.820 1 A_5CM1:DG6_A A 1 ? A 6 ? 19 1 
1 A DG  2 1_555 A 5CM 5 11_655 -0.803 -0.525 -0.580 -25.238 -0.324 -2.501 2 A_DG2:5CM5_A A 2 ? A 5 ? 19 1 
1 A DT  3 1_555 A DA  4 11_655 -0.317 -0.219 0.279  -11.447 -6.537 1.196  3 A_DT3:DA4_A  A 3 ? A 4 ? 20 1 
1 A DA  4 1_555 A DT  3 11_655 0.317  -0.219 0.279  11.447  -6.537 1.196  4 A_DA4:DT3_A  A 4 ? A 3 ? 20 1 
1 A 5CM 5 1_555 A DG  2 11_655 0.803  -0.525 -0.580 25.238  -0.324 -2.501 5 A_5CM5:DG2_A A 5 ? A 2 ? 19 1 
1 A DG  6 1_555 A 5CM 1 11_655 -0.647 -0.449 0.046  -12.620 -6.336 -0.820 6 A_DG6:5CM1_A A 6 ? A 1 ? 19 1 
# 
loop_
_ndb_struct_na_base_pair_step.model_number 
_ndb_struct_na_base_pair_step.i_label_asym_id_1 
_ndb_struct_na_base_pair_step.i_label_comp_id_1 
_ndb_struct_na_base_pair_step.i_label_seq_id_1 
_ndb_struct_na_base_pair_step.i_symmetry_1 
_ndb_struct_na_base_pair_step.j_label_asym_id_1 
_ndb_struct_na_base_pair_step.j_label_comp_id_1 
_ndb_struct_na_base_pair_step.j_label_seq_id_1 
_ndb_struct_na_base_pair_step.j_symmetry_1 
_ndb_struct_na_base_pair_step.i_label_asym_id_2 
_ndb_struct_na_base_pair_step.i_label_comp_id_2 
_ndb_struct_na_base_pair_step.i_label_seq_id_2 
_ndb_struct_na_base_pair_step.i_symmetry_2 
_ndb_struct_na_base_pair_step.j_label_asym_id_2 
_ndb_struct_na_base_pair_step.j_label_comp_id_2 
_ndb_struct_na_base_pair_step.j_label_seq_id_2 
_ndb_struct_na_base_pair_step.j_symmetry_2 
_ndb_struct_na_base_pair_step.shift 
_ndb_struct_na_base_pair_step.slide 
_ndb_struct_na_base_pair_step.rise 
_ndb_struct_na_base_pair_step.tilt 
_ndb_struct_na_base_pair_step.roll 
_ndb_struct_na_base_pair_step.twist 
_ndb_struct_na_base_pair_step.x_displacement 
_ndb_struct_na_base_pair_step.y_displacement 
_ndb_struct_na_base_pair_step.helical_rise 
_ndb_struct_na_base_pair_step.inclination 
_ndb_struct_na_base_pair_step.tip 
_ndb_struct_na_base_pair_step.helical_twist 
_ndb_struct_na_base_pair_step.step_number 
_ndb_struct_na_base_pair_step.step_name 
_ndb_struct_na_base_pair_step.i_auth_asym_id_1 
_ndb_struct_na_base_pair_step.i_auth_seq_id_1 
_ndb_struct_na_base_pair_step.i_PDB_ins_code_1 
_ndb_struct_na_base_pair_step.j_auth_asym_id_1 
_ndb_struct_na_base_pair_step.j_auth_seq_id_1 
_ndb_struct_na_base_pair_step.j_PDB_ins_code_1 
_ndb_struct_na_base_pair_step.i_auth_asym_id_2 
_ndb_struct_na_base_pair_step.i_auth_seq_id_2 
_ndb_struct_na_base_pair_step.i_PDB_ins_code_2 
_ndb_struct_na_base_pair_step.j_auth_asym_id_2 
_ndb_struct_na_base_pair_step.j_auth_seq_id_2 
_ndb_struct_na_base_pair_step.j_PDB_ins_code_2 
1 A 5CM 1 1_555 A DG  6 11_655 A DG  2 1_555 A 5CM 5 11_655 0.392  0.454  7.377 5.671  2.402  26.677 -0.395 2.370  7.313 5.119  
-12.086 27.366 1 AA_5CM1DG2:5CM5DG6_AA A 1 ? A 6 ? A 2 ? A 5 ? 
1 A DG  2 1_555 A 5CM 5 11_655 A DT  3 1_555 A DA  4 11_655 -0.816 -0.148 3.041 -7.055 -2.296 27.915 0.196  0.124  3.150 -4.657 
14.306  28.865 2 AA_DG2DT3:DA45CM5_AA  A 2 ? A 5 ? A 3 ? A 4 ? 
1 A DT  3 1_555 A DA  4 11_655 A DA  4 1_555 A DT  3 11_655 0.000  -0.894 2.736 0.000  0.325  42.084 -1.273 0.000  2.729 0.453  
0.000   42.085 3 AA_DT3DA4:DT3DA4_AA   A 3 ? A 4 ? A 4 ? A 3 ? 
1 A DA  4 1_555 A DT  3 11_655 A 5CM 5 1_555 A DG  2 11_655 0.816  -0.148 3.041 7.055  -2.296 27.915 0.196  -0.124 3.150 -4.657 
-14.306 28.865 4 AA_DA45CM5:DG2DT3_AA  A 4 ? A 3 ? A 5 ? A 2 ? 
1 A 5CM 5 1_555 A DG  2 11_655 A DG  6 1_555 A 5CM 1 11_655 -0.392 0.454  7.377 -5.671 2.402  26.677 -0.395 -2.370 7.313 5.119  
12.086  27.366 5 AA_5CM5DG6:5CM1DG2_AA A 5 ? A 2 ? A 6 ? A 1 ? 
# 
_atom_sites.entry_id                    1D17 
_atom_sites.fract_transf_matrix[1][1]   0.00787005 
_atom_sites.fract_transf_matrix[1][2]   0.03139124 
_atom_sites.fract_transf_matrix[1][3]   0.02966971 
_atom_sites.fract_transf_matrix[2][1]   -0.00767226 
_atom_sites.fract_transf_matrix[2][2]   -0.00759649 
_atom_sites.fract_transf_matrix[2][3]   0.04255677 
_atom_sites.fract_transf_matrix[3][1]   0.00935150 
_atom_sites.fract_transf_matrix[3][2]   -0.00336948 
_atom_sites.fract_transf_matrix[3][3]   0.00108445 
_atom_sites.fract_transf_vector[1]      0.753287 
_atom_sites.fract_transf_vector[2]      0.701342 
_atom_sites.fract_transf_vector[3]      0.277767 
# 
loop_
_atom_type.symbol 
C 
N 
O 
P 
# 
loop_
_atom_site.group_PDB 
_atom_site.id 
_atom_site.type_symbol 
_atom_site.label_atom_id 
_atom_site.label_alt_id 
_atom_site.label_comp_id 
_atom_site.label_asym_id 
_atom_site.label_entity_id 
_atom_site.label_seq_id 
_atom_site.pdbx_PDB_ins_code 
_atom_site.Cartn_x 
_atom_site.Cartn_y 
_atom_site.Cartn_z 
_atom_site.occupancy 
_atom_site.B_iso_or_equiv 
_atom_site.pdbx_formal_charge 
_atom_site.auth_seq_id 
_atom_site.auth_comp_id 
_atom_site.auth_asym_id 
_atom_site.auth_atom_id 
_atom_site.pdbx_PDB_model_num 
HETATM 1   N N1    . 5CM A 1 1 ? -4.060  -8.857  2.229   1.00 15.83 ? 1  5CM A N1    1 
HETATM 2   C C2    . 5CM A 1 1 ? -4.016  -8.670  0.852   1.00 14.79 ? 1  5CM A C2    1 
HETATM 3   N N3    . 5CM A 1 1 ? -5.091  -8.144  0.230   1.00 13.80 ? 1  5CM A N3    1 
HETATM 4   C C4    . 5CM A 1 1 ? -6.189  -7.761  0.891   1.00 13.40 ? 1  5CM A C4    1 
HETATM 5   C C5    . 5CM A 1 1 ? -6.280  -7.987  2.312   1.00 13.76 ? 1  5CM A C5    1 
HETATM 6   C C5A   . 5CM A 1 1 ? -7.559  -7.689  3.112   1.00 12.91 ? 1  5CM A C5A   1 
HETATM 7   C C6    . 5CM A 1 1 ? -5.184  -8.478  2.936   1.00 14.81 ? 1  5CM A C6    1 
HETATM 8   O O2    . 5CM A 1 1 ? -3.040  -9.018  0.200   1.00 15.21 ? 1  5CM A O2    1 
HETATM 9   N N4    . 5CM A 1 1 ? -7.139  -7.117  0.225   1.00 11.96 ? 1  5CM A N4    1 
HETATM 10  C "C1'" . 5CM A 1 1 ? -2.974  -9.644  2.910   1.00 16.89 ? 1  5CM A "C1'" 1 
HETATM 11  C "C2'" . 5CM A 1 1 ? -1.535  -9.224  2.667   1.00 17.85 ? 1  5CM A "C2'" 1 
HETATM 12  C "C3'" . 5CM A 1 1 ? -1.356  -8.024  3.565   1.00 18.57 ? 1  5CM A "C3'" 1 
HETATM 13  C "C4'" . 5CM A 1 1 ? -2.168  -8.482  4.768   1.00 18.33 ? 1  5CM A "C4'" 1 
HETATM 14  O "O4'" . 5CM A 1 1 ? -3.031  -9.564  4.346   1.00 17.51 ? 1  5CM A "O4'" 1 
HETATM 15  O "O3'" . 5CM A 1 1 ? -0.011  -7.573  3.871   1.00 19.58 ? 1  5CM A "O3'" 1 
HETATM 16  C "C5'" . 5CM A 1 1 ? -2.974  -7.314  5.287   1.00 18.22 ? 1  5CM A "C5'" 1 
HETATM 17  O "O5'" . 5CM A 1 1 ? -3.471  -7.598  6.593   1.00 18.27 ? 1  5CM A "O5'" 1 
ATOM   18  P P     . DG  A 1 2 ? 0.909   -7.895  5.209   1.00 20.84 ? 2  DG  A P     1 
ATOM   19  O OP1   . DG  A 1 2 ? 0.958   -9.369  5.334   1.00 20.85 ? 2  DG  A OP1   1 
ATOM   20  O OP2   . DG  A 1 2 ? 0.512   -7.088  6.399   1.00 21.36 ? 2  DG  A OP2   1 
ATOM   21  O "O5'" . DG  A 1 2 ? 2.315   -7.261  4.791   1.00 19.55 ? 2  DG  A "O5'" 1 
ATOM   22  C "C5'" . DG  A 1 2 ? 2.769   -7.214  3.438   1.00 18.18 ? 2  DG  A "C5'" 1 
ATOM   23  C "C4'" . DG  A 1 2 ? 2.444   -5.887  2.805   1.00 16.98 ? 2  DG  A "C4'" 1 
ATOM   24  O "O4'" . DG  A 1 2 ? 1.054   -5.630  2.535   1.00 15.27 ? 2  DG  A "O4'" 1 
ATOM   25  C "C3'" . DG  A 1 2 ? 2.966   -4.734  3.697   1.00 16.55 ? 2  DG  A "C3'" 1 
ATOM   26  O "O3'" . DG  A 1 2 ? 3.793   -3.906  2.881   1.00 17.32 ? 2  DG  A "O3'" 1 
ATOM   27  C "C2'" . DG  A 1 2 ? 1.718   -3.980  3.934   1.00 15.23 ? 2  DG  A "C2'" 1 
ATOM   28  C "C1'" . DG  A 1 2 ? 1.023   -4.197  2.611   1.00 14.10 ? 2  DG  A "C1'" 1 
ATOM   29  N N9    . DG  A 1 2 ? -0.299  -3.601  2.596   1.00 12.09 ? 2  DG  A N9    1 
ATOM   30  C C8    . DG  A 1 2 ? -1.218  -3.585  3.579   1.00 11.14 ? 2  DG  A C8    1 
ATOM   31  N N7    . DG  A 1 2 ? -2.333  -3.057  3.266   1.00 10.81 ? 2  DG  A N7    1 
ATOM   32  C C5    . DG  A 1 2 ? -2.106  -2.548  1.987   1.00 10.49 ? 2  DG  A C5    1 
ATOM   33  C C6    . DG  A 1 2 ? -2.962  -1.825  1.131   1.00 10.05 ? 2  DG  A C6    1 
ATOM   34  O O6    . DG  A 1 2 ? -4.091  -1.400  1.367   1.00 9.47  ? 2  DG  A O6    1 
ATOM   35  N N1    . DG  A 1 2 ? -2.403  -1.626  -0.103  1.00 9.60  ? 2  DG  A N1    1 
ATOM   36  C C2    . DG  A 1 2 ? -1.164  -2.033  -0.469  1.00 10.32 ? 2  DG  A C2    1 
ATOM   37  N N2    . DG  A 1 2 ? -0.802  -1.724  -1.692  1.00 10.43 ? 2  DG  A N2    1 
ATOM   38  N N3    . DG  A 1 2 ? -0.315  -2.654  0.336   1.00 10.79 ? 2  DG  A N3    1 
ATOM   39  C C4    . DG  A 1 2 ? -0.884  -2.938  1.534   1.00 11.30 ? 2  DG  A C4    1 
ATOM   40  P P     . DT  A 1 3 ? 5.372   -3.774  3.131   1.00 17.60 ? 3  DT  A P     1 
ATOM   41  O OP1   . DT  A 1 3 ? 5.968   -5.137  3.144   1.00 17.98 ? 3  DT  A OP1   1 
ATOM   42  O OP2   . DT  A 1 3 ? 5.507   -2.881  4.307   1.00 18.07 ? 3  DT  A OP2   1 
ATOM   43  O "O5'" . DT  A 1 3 ? 5.892   -2.983  1.802   1.00 15.85 ? 3  DT  A "O5'" 1 
ATOM   44  C "C5'" . DT  A 1 3 ? 5.667   -3.501  0.473   1.00 13.06 ? 3  DT  A "C5'" 1 
ATOM   45  C "C4'" . DT  A 1 3 ? 4.848   -2.538  -0.349  1.00 11.01 ? 3  DT  A "C4'" 1 
ATOM   46  O "O4'" . DT  A 1 3 ? 3.590   -2.332  0.345   1.00 10.15 ? 3  DT  A "O4'" 1 
ATOM   47  C "C3'" . DT  A 1 3 ? 5.559   -1.150  -0.404  1.00 10.21 ? 3  DT  A "C3'" 1 
ATOM   48  O "O3'" . DT  A 1 3 ? 6.240   -0.903  -1.641  1.00 9.40  ? 3  DT  A "O3'" 1 
ATOM   49  C "C2'" . DT  A 1 3 ? 4.368   -0.194  -0.175  1.00 9.59  ? 3  DT  A "C2'" 1 
ATOM   50  C "C1'" . DT  A 1 3 ? 3.096   -1.057  -0.138  1.00 8.80  ? 3  DT  A "C1'" 1 
ATOM   51  N N1    . DT  A 1 3 ? 2.023   -0.413  0.688   1.00 6.99  ? 3  DT  A N1    1 
ATOM   52  C C2    . DT  A 1 3 ? 1.124   0.349   0.024   1.00 5.88  ? 3  DT  A C2    1 
ATOM   53  O O2    . DT  A 1 3 ? 1.276   0.627   -1.159  1.00 5.94  ? 3  DT  A O2    1 
ATOM   54  N N3    . DT  A 1 3 ? 0.071   0.824   0.755   1.00 5.41  ? 3  DT  A N3    1 
ATOM   55  C C4    . DT  A 1 3 ? -0.224  0.487   2.044   1.00 5.49  ? 3  DT  A C4    1 
ATOM   56  O O4    . DT  A 1 3 ? -1.312  0.701   2.551   1.00 4.13  ? 3  DT  A O4    1 
ATOM   57  C C5    . DT  A 1 3 ? 0.855   -0.168  2.711   1.00 6.09  ? 3  DT  A C5    1 
ATOM   58  C C7    . DT  A 1 3 ? 0.700   -0.398  4.236   1.00 6.63  ? 3  DT  A C7    1 
ATOM   59  C C6    . DT  A 1 3 ? 1.940   -0.573  2.032   1.00 6.28  ? 3  DT  A C6    1 
ATOM   60  P P     . DA  A 1 4 ? 7.042   0.448   -1.960  1.00 9.17  ? 4  DA  A P     1 
ATOM   61  O OP1   . DA  A 1 4 ? 7.690   0.311   -3.288  1.00 8.86  ? 4  DA  A OP1   1 
ATOM   62  O OP2   . DA  A 1 4 ? 7.834   0.747   -0.763  1.00 8.79  ? 4  DA  A OP2   1 
ATOM   63  O "O5'" . DA  A 1 4 ? 5.977   1.612   -2.210  1.00 9.50  ? 4  DA  A "O5'" 1 
ATOM   64  C "C5'" . DA  A 1 4 ? 5.347   1.642   -3.523  1.00 9.43  ? 4  DA  A "C5'" 1 
ATOM   65  C "C4'" . DA  A 1 4 ? 4.326   2.769   -3.819  1.00 9.24  ? 4  DA  A "C4'" 1 
ATOM   66  O "O4'" . DA  A 1 4 ? 3.253   2.757   -2.887  1.00 8.39  ? 4  DA  A "O4'" 1 
ATOM   67  C "C3'" . DA  A 1 4 ? 4.982   4.131   -3.707  1.00 10.15 ? 4  DA  A "C3'" 1 
ATOM   68  O "O3'" . DA  A 1 4 ? 5.209   4.573   -5.054  1.00 12.67 ? 4  DA  A "O3'" 1 
ATOM   69  C "C2'" . DA  A 1 4 ? 3.928   4.941   -2.937  1.00 9.21  ? 4  DA  A "C2'" 1 
ATOM   70  C "C1'" . DA  A 1 4 ? 2.706   4.073   -2.797  1.00 7.55  ? 4  DA  A "C1'" 1 
ATOM   71  N N9    . DA  A 1 4 ? 2.207   4.149   -1.421  1.00 6.23  ? 4  DA  A N9    1 
ATOM   72  C C8    . DA  A 1 4 ? 2.792   3.738   -0.284  1.00 5.04  ? 4  DA  A C8    1 
ATOM   73  N N7    . DA  A 1 4 ? 2.081   3.743   0.786   1.00 4.26  ? 4  DA  A N7    1 
ATOM   74  C C5    . DA  A 1 4 ? 0.875   4.164   0.288   1.00 4.86  ? 4  DA  A C5    1 
ATOM   75  C C6    . DA  A 1 4 ? -0.337  4.391   0.892   1.00 4.41  ? 4  DA  A C6    1 
ATOM   76  N N6    . DA  A 1 4 ? -0.524  4.148   2.176   1.00 5.12  ? 4  DA  A N6    1 
ATOM   77  N N1    . DA  A 1 4 ? -1.358  4.826   0.148   1.00 4.67  ? 4  DA  A N1    1 
ATOM   78  C C2    . DA  A 1 4 ? -1.144  5.083   -1.130  1.00 5.26  ? 4  DA  A C2    1 
ATOM   79  N N3    . DA  A 1 4 ? -0.021  4.877   -1.836  1.00 5.88  ? 4  DA  A N3    1 
ATOM   80  C C4    . DA  A 1 4 ? 0.962   4.446   -1.037  1.00 5.39  ? 4  DA  A C4    1 
HETATM 81  N N1    . 5CM A 1 5 ? 2.320   8.027   -0.865  1.00 10.82 ? 5  5CM A N1    1 
HETATM 82  C C2    . 5CM A 1 5 ? 1.094   7.847   -0.252  1.00 10.43 ? 5  5CM A C2    1 
HETATM 83  N N3    . 5CM A 1 5 ? 1.095   7.349   1.002   1.00 9.76  ? 5  5CM A N3    1 
HETATM 84  C C4    . 5CM A 1 5 ? 2.175   6.974   1.626   1.00 8.83  ? 5  5CM A C4    1 
HETATM 85  C C5    . 5CM A 1 5 ? 3.430   7.146   1.001   1.00 9.72  ? 5  5CM A C5    1 
HETATM 86  C C5A   . 5CM A 1 5 ? 4.748   6.695   1.700   1.00 10.44 ? 5  5CM A C5A   1 
HETATM 87  C C6    . 5CM A 1 5 ? 3.450   7.657   -0.239  1.00 10.31 ? 5  5CM A C6    1 
HETATM 88  O O2    . 5CM A 1 5 ? 0.000   8.130   -0.760  1.00 9.64  ? 5  5CM A O2    1 
HETATM 89  N N4    . 5CM A 1 5 ? 2.019   6.394   2.794   1.00 7.31  ? 5  5CM A N4    1 
HETATM 90  C "C1'" . 5CM A 1 5 ? 2.373   8.718   -2.176  1.00 12.63 ? 5  5CM A "C1'" 1 
HETATM 91  C "C2'" . 5CM A 1 5 ? 3.227   10.003  -2.051  1.00 14.17 ? 5  5CM A "C2'" 1 
HETATM 92  C "C3'" . 5CM A 1 5 ? 3.857   10.304  -3.417  1.00 14.98 ? 5  5CM A "C3'" 1 
HETATM 93  C "C4'" . 5CM A 1 5 ? 3.658   8.918   -4.105  1.00 14.39 ? 5  5CM A "C4'" 1 
HETATM 94  O "O4'" . 5CM A 1 5 ? 3.052   7.966   -3.170  1.00 13.29 ? 5  5CM A "O4'" 1 
HETATM 95  O "O3'" . 5CM A 1 5 ? 3.333   11.501  -4.055  1.00 16.94 ? 5  5CM A "O3'" 1 
HETATM 96  C "C5'" . 5CM A 1 5 ? 5.057   8.363   -4.442  1.00 14.35 ? 5  5CM A "C5'" 1 
HETATM 97  O "O5'" . 5CM A 1 5 ? 4.857   7.031   -4.878  1.00 14.03 ? 5  5CM A "O5'" 1 
HETATM 98  P P     . 5CM A 1 5 ? 5.877   5.985   -5.483  1.00 13.79 ? 5  5CM A P     1 
HETATM 99  O OP1   . 5CM A 1 5 ? 5.797   6.073   -6.979  1.00 14.36 ? 5  5CM A OP1   1 
HETATM 100 O OP2   . 5CM A 1 5 ? 7.178   6.122   -4.790  1.00 14.73 ? 5  5CM A OP2   1 
ATOM   101 P P     . DG  A 1 6 ? 4.051   12.294  -5.303  1.00 17.85 ? 6  DG  A P     1 
ATOM   102 O OP1   . DG  A 1 6 ? 3.995   11.398  -6.488  1.00 18.23 ? 6  DG  A OP1   1 
ATOM   103 O OP2   . DG  A 1 6 ? 5.370   12.759  -4.792  1.00 18.47 ? 6  DG  A OP2   1 
ATOM   104 O "O5'" . DG  A 1 6 ? 3.177   13.527  -5.715  1.00 17.32 ? 6  DG  A "O5'" 1 
ATOM   105 C "C5'" . DG  A 1 6 ? 2.980   14.791  -5.051  1.00 17.05 ? 6  DG  A "C5'" 1 
ATOM   106 C "C4'" . DG  A 1 6 ? 1.486   14.900  -4.767  1.00 15.93 ? 6  DG  A "C4'" 1 
ATOM   107 O "O4'" . DG  A 1 6 ? 1.223   14.008  -3.640  1.00 15.49 ? 6  DG  A "O4'" 1 
ATOM   108 C "C3'" . DG  A 1 6 ? 0.965   16.313  -4.392  1.00 15.91 ? 6  DG  A "C3'" 1 
ATOM   109 O "O3'" . DG  A 1 6 ? -0.340  16.612  -4.902  1.00 16.48 ? 6  DG  A "O3'" 1 
ATOM   110 C "C2'" . DG  A 1 6 ? 0.985   16.249  -2.879  1.00 15.01 ? 6  DG  A "C2'" 1 
ATOM   111 C "C1'" . DG  A 1 6 ? 0.843   14.795  -2.490  1.00 14.13 ? 6  DG  A "C1'" 1 
ATOM   112 N N9    . DG  A 1 6 ? 1.709   14.535  -1.322  1.00 11.97 ? 6  DG  A N9    1 
ATOM   113 C C8    . DG  A 1 6 ? 2.998   14.090  -1.223  1.00 11.47 ? 6  DG  A C8    1 
ATOM   114 N N7    . DG  A 1 6 ? 3.422   13.844  0.003   1.00 10.54 ? 6  DG  A N7    1 
ATOM   115 C C5    . DG  A 1 6 ? 2.290   14.154  0.795   1.00 10.51 ? 6  DG  A C5    1 
ATOM   116 C C6    . DG  A 1 6 ? 2.054   14.110  2.210   1.00 9.65  ? 6  DG  A C6    1 
ATOM   117 O O6    . DG  A 1 6 ? 2.738   13.708  3.144   1.00 8.36  ? 6  DG  A O6    1 
ATOM   118 N N1    . DG  A 1 6 ? 0.817   14.567  2.543   1.00 9.38  ? 6  DG  A N1    1 
ATOM   119 C C2    . DG  A 1 6 ? -0.131  14.977  1.685   1.00 10.45 ? 6  DG  A C2    1 
ATOM   120 N N2    . DG  A 1 6 ? -1.237  15.506  2.214   1.00 10.59 ? 6  DG  A N2    1 
ATOM   121 N N3    . DG  A 1 6 ? 0.040   14.982  0.377   1.00 11.34 ? 6  DG  A N3    1 
ATOM   122 C C4    . DG  A 1 6 ? 1.275   14.599  -0.007  1.00 11.27 ? 6  DG  A C4    1 
HETATM 123 C C1    . NGM B 2 . ? -5.688  -4.389  1.819   1.00 6.39  ? 7  NGM A C1    1 
HETATM 124 C C2    . NGM B 2 . ? -6.925  -3.822  1.689   1.00 7.10  ? 7  NGM A C2    1 
HETATM 125 C C3    . NGM B 2 . ? -7.395  -3.439  0.444   1.00 6.39  ? 7  NGM A C3    1 
HETATM 126 C C4    . NGM B 2 . ? -6.592  -3.562  -0.668  1.00 5.43  ? 7  NGM A C4    1 
HETATM 127 C C5    . NGM B 2 . ? -4.467  -4.228  -1.727  1.00 4.67  ? 7  NGM A C5    1 
HETATM 128 C C6    . NGM B 2 . ? -2.284  -4.855  -2.705  1.00 6.30  ? 7  NGM A C6    1 
HETATM 129 C C7    . NGM B 2 . ? -0.089  -5.552  -3.836  1.00 9.80  ? 7  NGM A C7    1 
HETATM 130 C C8    . NGM B 2 . ? 1.084   -6.442  -3.560  1.00 10.03 ? 7  NGM A C8    1 
HETATM 131 C C9    . NGM B 2 . ? 1.824   -6.186  -2.220  1.00 9.82  ? 7  NGM A C9    1 
HETATM 132 C C10   . NGM B 2 . ? 0.825   -6.434  -1.096  1.00 9.15  ? 7  NGM A C10   1 
HETATM 133 C C11   . NGM B 2 . ? -1.383  -5.696  -0.273  1.00 5.97  ? 7  NGM A C11   1 
HETATM 134 C C12   . NGM B 2 . ? -3.490  -5.149  0.829   1.00 5.45  ? 7  NGM A C12   1 
HETATM 135 C C13   . NGM B 2 . ? 2.431   -4.790  -2.053  1.00 10.17 ? 7  NGM A C13   1 
HETATM 136 C C14   . NGM B 2 . ? 0.623   -7.919  -0.913  1.00 9.98  ? 7  NGM A C14   1 
HETATM 137 C C15   . NGM B 2 . ? 1.035   -9.453  0.723   1.00 11.42 ? 7  NGM A C15   1 
HETATM 138 C C16   . NGM B 2 . ? -4.870  -4.554  0.709   1.00 5.83  ? 7  NGM A C16   1 
HETATM 139 C C17   . NGM B 2 . ? -5.328  -4.119  -0.537  1.00 5.32  ? 7  NGM A C17   1 
HETATM 140 C C18   . NGM B 2 . ? -3.108  -4.786  -1.605  1.00 5.12  ? 7  NGM A C18   1 
HETATM 141 C C19   . NGM B 2 . ? -0.979  -5.374  -2.597  1.00 8.04  ? 7  NGM A C19   1 
HETATM 142 C C20   . NGM B 2 . ? -0.544  -5.791  -1.346  1.00 7.73  ? 7  NGM A C20   1 
HETATM 143 C C21   . NGM B 2 . ? -2.642  -5.210  -0.386  1.00 5.27  ? 7  NGM A C21   1 
HETATM 144 C C22   . NGM B 2 . ? -9.175  -3.417  2.846   1.00 8.55  ? 7  NGM A C22   1 
HETATM 145 C C23   . NGM B 2 . ? -4.365  -0.147  5.092   1.00 12.79 ? 7  NGM A C23   1 
HETATM 146 C C24   . NGM B 2 . ? -6.681  0.169   5.183   1.00 13.15 ? 7  NGM A C24   1 
HETATM 147 C C25   . NGM B 2 . ? 3.921   -4.590  -6.130  1.00 17.86 ? 7  NGM A C25   1 
HETATM 148 C C26   . NGM B 2 . ? 4.106   -0.935  -7.281  1.00 19.49 ? 7  NGM A C26   1 
HETATM 149 C C27   . NGM B 2 . ? 1.617   0.792   -4.667  1.00 18.92 ? 7  NGM A C27   1 
HETATM 150 C C28   . NGM B 2 . ? 2.150   -1.698  -3.702  1.00 17.45 ? 7  NGM A C28   1 
HETATM 151 C C29   . NGM B 2 . ? -1.325  -2.093  -7.099  1.00 17.90 ? 7  NGM A C29   1 
HETATM 152 C C30   . NGM B 2 . ? -5.932  -4.271  4.335   1.00 8.69  ? 7  NGM A C30   1 
HETATM 153 C C31   . NGM B 2 . ? -5.477  -2.929  4.921   1.00 9.24  ? 7  NGM A C31   1 
HETATM 154 C C32   . NGM B 2 . ? -5.769  -1.828  3.908   1.00 10.05 ? 7  NGM A C32   1 
HETATM 155 C C33   . NGM B 2 . ? -7.205  -1.988  3.354   1.00 9.05  ? 7  NGM A C33   1 
HETATM 156 C C34   . NGM B 2 . ? -7.655  -3.419  2.977   1.00 8.15  ? 7  NGM A C34   1 
HETATM 157 C "C1'" . NGM B 2 . ? 0.416   -3.801  -5.434  1.00 15.87 ? 7  NGM A "C1'" 1 
HETATM 158 C "C2'" . NGM B 2 . ? 0.400   -2.246  -5.479  1.00 17.26 ? 7  NGM A "C2'" 1 
HETATM 159 C "C3'" . NGM B 2 . ? 1.752   -1.593  -5.181  1.00 17.83 ? 7  NGM A "C3'" 1 
HETATM 160 C "C4'" . NGM B 2 . ? 2.663   -2.351  -6.116  1.00 18.38 ? 7  NGM A "C4'" 1 
HETATM 161 C "C5'" . NGM B 2 . ? 2.700   -3.824  -5.670  1.00 18.15 ? 7  NGM A "C5'" 1 
HETATM 162 N N1    . NGM B 2 . ? -5.600  -0.429  4.367   1.00 11.75 ? 7  NGM A N1    1 
HETATM 163 O O1    . NGM B 2 . ? -5.192  -4.623  3.137   1.00 7.82  ? 7  NGM A O1    1 
HETATM 164 O O2    . NGM B 2 . ? -7.343  -4.279  4.093   1.00 8.48  ? 7  NGM A O2    1 
HETATM 165 O O4    . NGM B 2 . ? -7.024  -3.058  -1.886  1.00 4.34  ? 7  NGM A O4    1 
HETATM 166 O O5    . NGM B 2 . ? -4.868  -3.801  -2.789  1.00 3.55  ? 7  NGM A O5    1 
HETATM 167 O O6    . NGM B 2 . ? -2.726  -4.306  -3.886  1.00 4.50  ? 7  NGM A O6    1 
HETATM 168 O O7    . NGM B 2 . ? 0.480   -4.305  -4.127  1.00 13.01 ? 7  NGM A O7    1 
HETATM 169 O O9    . NGM B 2 . ? 3.026   -7.012  -2.162  1.00 10.40 ? 7  NGM A O9    1 
HETATM 170 O O10   . NGM B 2 . ? 0.812   -8.101  0.444   1.00 10.73 ? 7  NGM A O10   1 
HETATM 171 O O14   . NGM B 2 . ? 0.625   -8.786  -1.808  1.00 10.04 ? 7  NGM A O14   1 
HETATM 172 O O12   . NGM B 2 . ? -3.038  -5.609  1.890   1.00 4.59  ? 7  NGM A O12   1 
HETATM 173 O O15   . NGM B 2 . ? -4.059  -2.972  5.241   1.00 9.45  ? 7  NGM A O15   1 
HETATM 174 O O16   . NGM B 2 . ? -7.251  -1.002  2.313   1.00 8.67  ? 7  NGM A O16   1 
HETATM 175 O "O1'" . NGM B 2 . ? 1.469   -4.379  -6.161  1.00 17.34 ? 7  NGM A "O1'" 1 
HETATM 176 O "O2'" . NGM B 2 . ? 0.029   -1.918  -6.839  1.00 17.88 ? 7  NGM A "O2'" 1 
HETATM 177 O "O3'" . NGM B 2 . ? 1.794   -0.214  -5.615  1.00 18.56 ? 7  NGM A "O3'" 1 
HETATM 178 O "O4'" . NGM B 2 . ? 3.954   -1.719  -6.148  1.00 19.33 ? 7  NGM A "O4'" 1 
HETATM 179 O O     . HOH C 3 . ? -9.848  -2.563  -3.604  1.00 53.72 ? 8  HOH A O     1 
HETATM 180 O O     . HOH C 3 . ? -9.660  -6.068  -1.681  1.00 23.55 ? 9  HOH A O     1 
HETATM 181 O O     . HOH C 3 . ? -10.670 -5.730  -6.402  1.00 23.89 ? 10 HOH A O     1 
HETATM 182 O O     . HOH C 3 . ? -8.827  -5.081  -4.453  1.00 9.93  ? 11 HOH A O     1 
HETATM 183 O O     . HOH C 3 . ? 0.048   5.920   -4.309  1.00 35.21 ? 12 HOH A O     1 
HETATM 184 O O     . HOH C 3 . ? -7.640  3.090   1.537   1.00 11.00 ? 13 HOH A O     1 
HETATM 185 O O     . HOH C 3 . ? 2.818   -1.708  7.620   1.00 17.89 ? 14 HOH A O     1 
HETATM 186 O O     . HOH C 3 . ? 6.696   1.711   1.317   1.00 19.22 ? 15 HOH A O     1 
HETATM 187 O O     . HOH C 3 . ? 3.087   -6.873  -13.197 1.00 51.96 ? 16 HOH A O     1 
HETATM 188 O O     . HOH C 3 . ? 5.750   -9.579  3.602   1.00 18.15 ? 17 HOH A O     1 
HETATM 189 O O     . HOH C 3 . ? -8.411  -3.122  -6.960  1.00 29.43 ? 18 HOH A O     1 
HETATM 190 O O     . HOH C 3 . ? 6.423   6.418   -1.615  1.00 24.21 ? 19 HOH A O     1 
HETATM 191 O O     . HOH C 3 . ? -5.556  1.527   9.051   1.00 16.35 ? 20 HOH A O     1 
HETATM 192 O O     . HOH C 3 . ? -5.296  4.661   7.564   1.00 43.47 ? 21 HOH A O     1 
HETATM 193 O O     . HOH C 3 . ? 6.881   -8.150  -2.153  1.00 23.99 ? 22 HOH A O     1 
HETATM 194 O O     . HOH C 3 . ? 8.598   -3.105  -3.949  1.00 20.23 ? 23 HOH A O     1 
HETATM 195 O O     . HOH C 3 . ? -6.136  -7.345  5.657   1.00 23.16 ? 24 HOH A O     1 
HETATM 196 O O     . HOH C 3 . ? -7.878  -2.033  9.373   1.00 6.24  ? 25 HOH A O     1 
HETATM 197 O O     . HOH C 3 . ? -7.581  -6.449  9.328   1.00 24.48 ? 26 HOH A O     1 
HETATM 198 O O     . HOH C 3 . ? -8.055  0.191   11.256  1.00 21.90 ? 27 HOH A O     1 
HETATM 199 O O     . HOH C 3 . ? -3.377  -1.299  10.054  1.00 2.64  ? 28 HOH A O     1 
HETATM 200 O O     . HOH C 3 . ? -1.644  -5.862  7.289   1.00 6.80  ? 29 HOH A O     1 
HETATM 201 O O     . HOH C 3 . ? 6.721   -4.512  -2.082  1.00 15.25 ? 30 HOH A O     1 
HETATM 202 O O     . HOH C 3 . ? 6.867   4.008   -0.309  1.00 34.72 ? 31 HOH A O     1 
HETATM 203 O O     . HOH C 3 . ? 1.960   -11.559 9.519   1.00 25.00 ? 32 HOH A O     1 
HETATM 204 O O     . HOH C 3 . ? -0.181  -9.564  8.573   1.00 25.00 ? 33 HOH A O     1 
HETATM 205 O O     . HOH C 3 . ? -0.951  19.522  -5.867  1.00 42.51 ? 34 HOH A O     1 
HETATM 206 O O     . HOH C 3 . ? 1.602   -6.442  -8.064  1.00 11.08 ? 35 HOH A O     1 
HETATM 207 O O     . HOH C 3 . ? -10.192 -1.805  -9.156  1.00 60.61 ? 36 HOH A O     1 
HETATM 208 O O     . HOH C 3 . ? -1.901  4.051   -10.361 1.00 54.11 ? 37 HOH A O     1 
HETATM 209 O O     . HOH C 3 . ? 7.764   -0.415  3.106   1.00 51.51 ? 38 HOH A O     1 
HETATM 210 O O     . HOH C 3 . ? 2.741   1.463   7.377   1.00 16.83 ? 39 HOH A O     1 
HETATM 211 O O     . HOH C 3 . ? 3.709   -0.915  5.030   1.00 12.07 ? 40 HOH A O     1 
HETATM 212 O O     . HOH C 3 . ? 1.807   1.325   -8.213  1.00 20.56 ? 41 HOH A O     1 
HETATM 213 O O     . HOH C 3 . ? 5.907   -2.167  -4.135  1.00 41.13 ? 42 HOH A O     1 
HETATM 214 O O     . HOH C 3 . ? -3.372  -4.453  9.050   1.00 29.92 ? 43 HOH A O     1 
HETATM 215 O O     . HOH C 3 . ? -5.300  2.358   3.577   1.00 13.24 ? 44 HOH A O     1 
HETATM 216 O O     . HOH C 3 . ? -5.915  -4.792  7.779   1.00 40.61 ? 45 HOH A O     1 
HETATM 217 O O     . HOH C 3 . ? -5.754  -1.408  7.603   1.00 37.86 ? 46 HOH A O     1 
# 
